data_4YMH
#
_entry.id   4YMH
#
_cell.length_a   84.233
_cell.length_b   239.295
_cell.length_c   50.558
_cell.angle_alpha   90.00
_cell.angle_beta   90.00
_cell.angle_gamma   90.00
#
_symmetry.space_group_name_H-M   'P 21 21 2'
#
loop_
_entity.id
_entity.type
_entity.pdbx_description
1 polymer 'Putative SAM-dependent O-methyltranferase'
2 non-polymer S-ADENOSYL-L-HOMOCYSTEINE
3 non-polymer DI(HYDROXYETHYL)ETHER
4 water water
#
_entity_poly.entity_id   1
_entity_poly.type   'polypeptide(L)'
_entity_poly.pdbx_seq_one_letter_code
;MLGSILPFNEETADRVSAYCEKNSHGIPDALVEHWEWTRTRFPDADKMSSRLQGSWMIFTARDRKPKRILEIGCYSGYSA
LAWYEGTRDTKAEIVTLEYSPKMIAASREAFKKYGVGDRVKLIEGPAENTLKTLEGEFDLIFVDANKDGYAGYVKTILDQ
GLLSANGIILCDNVFARGLTIGPDCAPWLNDHVRPYWNGCGQALDKFSAGLMEDPRIDVLLLPVFDGVTQIRWKDGAQRA
;
_entity_poly.pdbx_strand_id   A,B,C,D
#
loop_
_chem_comp.id
_chem_comp.type
_chem_comp.name
_chem_comp.formula
PEG non-polymer DI(HYDROXYETHYL)ETHER 'C4 H10 O3'
SAH non-polymer S-ADENOSYL-L-HOMOCYSTEINE 'C14 H20 N6 O5 S'
#
# COMPACT_ATOMS: atom_id res chain seq x y z
N LEU A 2 -1.51 40.92 -11.46
CA LEU A 2 -2.49 39.91 -11.08
C LEU A 2 -1.83 38.92 -10.11
N GLY A 3 -2.63 38.26 -9.29
CA GLY A 3 -2.10 37.49 -8.18
C GLY A 3 -2.15 35.98 -8.27
N SER A 4 -2.27 35.38 -7.10
CA SER A 4 -2.06 33.96 -6.88
C SER A 4 -3.32 33.13 -6.74
N ILE A 5 -4.49 33.79 -6.77
CA ILE A 5 -5.73 33.10 -6.46
C ILE A 5 -6.64 32.96 -7.68
N LEU A 6 -7.16 31.75 -7.90
CA LEU A 6 -8.08 31.53 -9.00
C LEU A 6 -9.48 31.98 -8.66
N PRO A 7 -10.10 32.76 -9.56
CA PRO A 7 -11.48 33.19 -9.32
C PRO A 7 -12.47 32.11 -9.76
N PHE A 8 -13.43 31.80 -8.89
CA PHE A 8 -14.47 30.81 -9.13
C PHE A 8 -15.81 31.41 -8.69
N ASN A 9 -16.90 31.17 -9.43
CA ASN A 9 -18.20 31.53 -8.89
C ASN A 9 -18.63 30.45 -7.90
N GLU A 10 -19.73 30.66 -7.20
CA GLU A 10 -20.13 29.73 -6.13
C GLU A 10 -20.25 28.26 -6.56
N GLU A 11 -21.01 28.03 -7.63
CA GLU A 11 -21.24 26.68 -8.14
C GLU A 11 -19.92 25.98 -8.50
N THR A 12 -19.10 26.70 -9.26
CA THR A 12 -17.84 26.13 -9.75
C THR A 12 -16.86 25.89 -8.60
N ALA A 13 -16.84 26.79 -7.62
CA ALA A 13 -15.98 26.57 -6.45
C ALA A 13 -16.37 25.27 -5.74
N ASP A 14 -17.68 25.02 -5.63
CA ASP A 14 -18.11 23.77 -4.98
C ASP A 14 -17.72 22.54 -5.81
N ARG A 15 -17.81 22.65 -7.13
CA ARG A 15 -17.37 21.54 -7.98
C ARG A 15 -15.85 21.26 -7.83
N VAL A 16 -15.07 22.33 -7.73
CA VAL A 16 -13.62 22.19 -7.55
C VAL A 16 -13.28 21.60 -6.17
N SER A 17 -14.05 21.97 -5.15
CA SER A 17 -13.88 21.35 -3.84
C SER A 17 -14.13 19.85 -3.90
N ALA A 18 -15.24 19.47 -4.53
CA ALA A 18 -15.57 18.05 -4.66
C ALA A 18 -14.47 17.29 -5.43
N TYR A 19 -13.93 17.95 -6.45
CA TYR A 19 -12.82 17.36 -7.21
C TYR A 19 -11.61 17.10 -6.34
N CYS A 20 -11.28 18.07 -5.48
CA CYS A 20 -10.17 17.89 -4.56
C CYS A 20 -10.41 16.72 -3.61
N GLU A 21 -11.64 16.60 -3.10
CA GLU A 21 -11.99 15.46 -2.25
C GLU A 21 -11.85 14.11 -2.95
N LYS A 22 -12.32 14.06 -4.19
CA LYS A 22 -12.28 12.84 -5.00
C LYS A 22 -10.84 12.41 -5.26
N ASN A 23 -9.99 13.41 -5.39
CA ASN A 23 -8.60 13.19 -5.73
C ASN A 23 -7.61 13.32 -4.58
N SER A 24 -8.12 13.23 -3.38
CA SER A 24 -7.31 13.17 -2.17
C SER A 24 -7.75 11.95 -1.38
N HIS A 25 -6.85 11.39 -0.58
CA HIS A 25 -7.27 10.30 0.27
C HIS A 25 -8.30 10.81 1.27
N GLY A 26 -9.35 10.03 1.48
CA GLY A 26 -10.45 10.46 2.33
C GLY A 26 -10.19 10.23 3.81
N ILE A 27 -11.06 10.79 4.64
CA ILE A 27 -10.96 10.56 6.06
C ILE A 27 -11.54 9.20 6.39
N PRO A 28 -11.13 8.61 7.52
CA PRO A 28 -11.63 7.27 7.88
C PRO A 28 -13.15 7.24 8.03
N ASP A 29 -13.75 6.06 7.86
CA ASP A 29 -15.20 5.93 7.92
C ASP A 29 -15.80 6.46 9.22
N ALA A 30 -15.13 6.18 10.32
CA ALA A 30 -15.61 6.57 11.64
C ALA A 30 -15.71 8.08 11.74
N LEU A 31 -14.73 8.76 11.14
CA LEU A 31 -14.67 10.20 11.20
C LEU A 31 -15.74 10.83 10.29
N VAL A 32 -16.00 10.22 9.14
CA VAL A 32 -17.14 10.62 8.34
C VAL A 32 -18.42 10.53 9.17
N GLU A 33 -18.59 9.42 9.87
CA GLU A 33 -19.77 9.23 10.71
C GLU A 33 -19.89 10.33 11.78
N HIS A 34 -18.77 10.68 12.40
CA HIS A 34 -18.82 11.76 13.38
C HIS A 34 -19.16 13.11 12.74
N TRP A 35 -18.65 13.35 11.53
CA TRP A 35 -18.89 14.60 10.82
C TRP A 35 -20.38 14.76 10.50
N GLU A 36 -20.95 13.69 9.94
CA GLU A 36 -22.36 13.65 9.60
C GLU A 36 -23.25 13.80 10.84
N TRP A 37 -22.87 13.09 11.90
CA TRP A 37 -23.60 13.14 13.16
C TRP A 37 -23.61 14.55 13.73
N THR A 38 -22.47 15.22 13.63
CA THR A 38 -22.37 16.60 14.10
C THR A 38 -23.31 17.49 13.30
N ARG A 39 -23.33 17.31 11.98
CA ARG A 39 -24.21 18.13 11.15
C ARG A 39 -25.68 17.88 11.44
N THR A 40 -26.03 16.67 11.84
CA THR A 40 -27.42 16.38 12.20
C THR A 40 -27.76 16.93 13.58
N ARG A 41 -26.81 16.84 14.50
CA ARG A 41 -27.04 17.21 15.90
C ARG A 41 -27.12 18.73 16.10
N PHE A 42 -26.31 19.49 15.37
CA PHE A 42 -26.21 20.92 15.66
C PHE A 42 -26.63 21.83 14.51
N PRO A 43 -27.39 22.89 14.82
CA PRO A 43 -27.84 23.90 13.86
C PRO A 43 -26.70 24.80 13.40
N ASP A 44 -25.70 24.97 14.28
CA ASP A 44 -24.53 25.78 13.97
C ASP A 44 -23.33 24.90 13.61
N ALA A 45 -23.58 23.83 12.87
CA ALA A 45 -22.52 22.88 12.50
C ALA A 45 -21.58 23.46 11.45
N ASP A 46 -21.91 24.61 10.88
CA ASP A 46 -21.06 25.26 9.89
C ASP A 46 -19.71 25.67 10.49
N LYS A 47 -19.65 25.74 11.82
CA LYS A 47 -18.41 25.97 12.55
C LYS A 47 -17.41 24.85 12.36
N MET A 48 -17.90 23.66 12.00
CA MET A 48 -17.05 22.49 11.83
C MET A 48 -16.27 22.56 10.50
N SER A 49 -15.05 22.03 10.51
CA SER A 49 -14.24 21.97 9.29
C SER A 49 -14.91 21.06 8.26
N SER A 50 -14.54 21.20 6.99
CA SER A 50 -15.02 20.32 5.92
C SER A 50 -14.31 18.96 5.94
N ARG A 51 -14.77 18.04 5.09
CA ARG A 51 -14.11 16.74 4.94
C ARG A 51 -12.72 16.87 4.33
N LEU A 52 -12.59 17.75 3.33
CA LEU A 52 -11.30 17.98 2.68
C LEU A 52 -10.30 18.51 3.71
N GLN A 53 -10.75 19.42 4.57
CA GLN A 53 -9.89 19.94 5.63
C GLN A 53 -9.48 18.83 6.57
N GLY A 54 -10.38 17.89 6.81
CA GLY A 54 -10.04 16.71 7.59
C GLY A 54 -8.90 15.91 6.98
N SER A 55 -8.99 15.67 5.68
CA SER A 55 -7.89 14.99 4.97
C SER A 55 -6.58 15.78 5.11
N TRP A 56 -6.68 17.10 5.04
CA TRP A 56 -5.49 17.96 5.17
C TRP A 56 -4.86 17.84 6.56
N MET A 57 -5.70 17.83 7.60
CA MET A 57 -5.20 17.72 8.96
C MET A 57 -4.50 16.38 9.16
N ILE A 58 -5.12 15.30 8.68
CA ILE A 58 -4.53 13.97 8.84
C ILE A 58 -3.21 13.86 8.07
N PHE A 59 -3.20 14.35 6.84
CA PHE A 59 -1.98 14.36 6.01
C PHE A 59 -0.88 15.12 6.71
N THR A 60 -1.20 16.32 7.17
CA THR A 60 -0.25 17.19 7.83
C THR A 60 0.35 16.54 9.08
N ALA A 61 -0.51 15.90 9.88
CA ALA A 61 -0.03 15.16 11.05
C ALA A 61 0.86 13.96 10.70
N ARG A 62 0.49 13.20 9.68
CA ARG A 62 1.32 12.05 9.31
C ARG A 62 2.67 12.51 8.77
N ASP A 63 2.65 13.63 8.08
CA ASP A 63 3.85 14.19 7.46
C ASP A 63 4.81 14.75 8.50
N ARG A 64 4.33 15.67 9.34
CA ARG A 64 5.19 16.39 10.28
C ARG A 64 5.54 15.55 11.51
N LYS A 65 4.72 14.53 11.78
CA LYS A 65 4.92 13.67 12.94
C LYS A 65 5.11 14.45 14.25
N PRO A 66 4.15 15.32 14.61
CA PRO A 66 4.29 16.06 15.88
C PRO A 66 4.25 15.15 17.11
N LYS A 67 5.05 15.47 18.13
CA LYS A 67 5.06 14.70 19.37
C LYS A 67 3.85 15.03 20.24
N ARG A 68 3.46 16.31 20.25
CA ARG A 68 2.28 16.77 20.98
C ARG A 68 1.55 17.76 20.09
N ILE A 69 0.22 17.74 20.14
CA ILE A 69 -0.60 18.67 19.35
C ILE A 69 -1.48 19.46 20.30
N LEU A 70 -1.56 20.77 20.11
CA LEU A 70 -2.50 21.61 20.86
C LEU A 70 -3.54 22.15 19.91
N GLU A 71 -4.79 22.18 20.36
CA GLU A 71 -5.88 22.72 19.57
C GLU A 71 -6.71 23.68 20.41
N ILE A 72 -7.01 24.85 19.87
CA ILE A 72 -7.82 25.82 20.59
C ILE A 72 -9.16 25.91 19.85
N GLY A 73 -10.23 25.46 20.51
CA GLY A 73 -11.55 25.43 19.92
C GLY A 73 -11.91 24.02 19.47
N CYS A 74 -12.57 23.26 20.34
CA CYS A 74 -12.84 21.85 20.07
C CYS A 74 -14.13 21.64 19.28
N TYR A 75 -15.13 22.48 19.54
CA TYR A 75 -16.51 22.30 19.06
C TYR A 75 -17.00 20.89 19.33
N SER A 76 -17.22 20.08 18.29
CA SER A 76 -17.74 18.72 18.50
C SER A 76 -16.66 17.63 18.50
N GLY A 77 -15.40 18.04 18.37
CA GLY A 77 -14.28 17.11 18.41
C GLY A 77 -13.77 16.62 17.06
N TYR A 78 -14.35 17.12 15.97
CA TYR A 78 -13.94 16.68 14.62
C TYR A 78 -12.46 16.86 14.33
N SER A 79 -11.93 18.05 14.59
CA SER A 79 -10.52 18.28 14.27
C SER A 79 -9.62 17.54 15.27
N ALA A 80 -10.04 17.44 16.54
CA ALA A 80 -9.28 16.60 17.50
C ALA A 80 -9.20 15.15 17.03
N LEU A 81 -10.30 14.62 16.50
CA LEU A 81 -10.28 13.23 16.04
C LEU A 81 -9.46 13.09 14.74
N ALA A 82 -9.44 14.15 13.93
CA ALA A 82 -8.54 14.15 12.77
C ALA A 82 -7.08 14.05 13.20
N TRP A 83 -6.68 14.90 14.15
CA TRP A 83 -5.31 14.83 14.68
C TRP A 83 -4.99 13.47 15.27
N TYR A 84 -5.96 12.94 16.02
CA TYR A 84 -5.87 11.61 16.60
C TYR A 84 -5.57 10.57 15.52
N GLU A 85 -6.35 10.60 14.43
CA GLU A 85 -6.12 9.65 13.34
C GLU A 85 -4.73 9.82 12.73
N GLY A 86 -4.30 11.07 12.64
CA GLY A 86 -3.02 11.34 12.00
C GLY A 86 -1.81 11.02 12.86
N THR A 87 -2.05 10.71 14.14
CA THR A 87 -0.94 10.37 15.04
C THR A 87 -1.07 9.01 15.73
N ARG A 88 -1.78 8.08 15.09
CA ARG A 88 -1.96 6.74 15.66
C ARG A 88 -0.63 6.01 15.88
N ASP A 89 0.33 6.22 14.98
CA ASP A 89 1.58 5.47 15.03
C ASP A 89 2.49 5.90 16.18
N THR A 90 2.43 7.18 16.54
CA THR A 90 3.29 7.72 17.59
C THR A 90 2.59 7.92 18.93
N LYS A 91 1.27 7.81 18.93
CA LYS A 91 0.46 8.09 20.11
C LYS A 91 0.78 9.48 20.69
N ALA A 92 0.86 10.47 19.81
CA ALA A 92 1.00 11.87 20.23
C ALA A 92 -0.09 12.27 21.21
N GLU A 93 0.30 13.08 22.20
CA GLU A 93 -0.67 13.71 23.08
C GLU A 93 -1.38 14.82 22.33
N ILE A 94 -2.69 14.87 22.49
CA ILE A 94 -3.51 15.90 21.87
C ILE A 94 -4.26 16.63 22.96
N VAL A 95 -4.00 17.92 23.09
CA VAL A 95 -4.67 18.75 24.08
C VAL A 95 -5.63 19.65 23.33
N THR A 96 -6.89 19.68 23.74
CA THR A 96 -7.82 20.54 23.04
C THR A 96 -8.59 21.37 24.06
N LEU A 97 -8.73 22.67 23.75
CA LEU A 97 -9.33 23.62 24.68
C LEU A 97 -10.72 24.02 24.25
N GLU A 98 -11.68 24.05 25.19
CA GLU A 98 -13.04 24.40 24.81
C GLU A 98 -13.79 25.06 25.97
N TYR A 99 -14.65 26.02 25.70
CA TYR A 99 -15.41 26.67 26.77
C TYR A 99 -16.89 26.44 26.82
N SER A 100 -17.47 25.98 25.74
CA SER A 100 -18.93 25.80 25.73
C SER A 100 -19.36 24.48 26.38
N PRO A 101 -20.16 24.56 27.46
CA PRO A 101 -20.66 23.37 28.17
C PRO A 101 -21.31 22.35 27.21
N LYS A 102 -22.19 22.86 26.35
CA LYS A 102 -22.84 22.05 25.33
C LYS A 102 -21.84 21.28 24.46
N MET A 103 -20.81 21.97 23.98
CA MET A 103 -19.84 21.34 23.08
C MET A 103 -18.86 20.44 23.83
N ILE A 104 -18.58 20.77 25.09
CA ILE A 104 -17.77 19.92 25.94
C ILE A 104 -18.46 18.57 26.18
N ALA A 105 -19.75 18.60 26.52
CA ALA A 105 -20.53 17.37 26.68
C ALA A 105 -20.53 16.55 25.39
N ALA A 106 -20.84 17.23 24.27
CA ALA A 106 -20.82 16.60 22.97
C ALA A 106 -19.48 15.90 22.66
N SER A 107 -18.39 16.62 22.89
CA SER A 107 -17.06 16.13 22.57
C SER A 107 -16.62 14.97 23.44
N ARG A 108 -16.84 15.08 24.75
CA ARG A 108 -16.49 13.98 25.65
C ARG A 108 -17.23 12.71 25.26
N GLU A 109 -18.53 12.84 24.99
CA GLU A 109 -19.27 11.67 24.53
C GLU A 109 -18.69 11.13 23.21
N ALA A 110 -18.36 12.03 22.28
CA ALA A 110 -17.79 11.64 20.99
C ALA A 110 -16.47 10.86 21.14
N PHE A 111 -15.59 11.38 22.01
CA PHE A 111 -14.29 10.78 22.24
C PHE A 111 -14.48 9.38 22.81
N LYS A 112 -15.38 9.24 23.77
CA LYS A 112 -15.64 7.91 24.31
C LYS A 112 -16.20 6.95 23.27
N LYS A 113 -17.12 7.43 22.42
CA LYS A 113 -17.69 6.56 21.38
C LYS A 113 -16.60 6.10 20.40
N TYR A 114 -15.66 7.00 20.13
CA TYR A 114 -14.59 6.76 19.17
C TYR A 114 -13.54 5.82 19.74
N GLY A 115 -13.50 5.72 21.06
CA GLY A 115 -12.53 4.88 21.74
C GLY A 115 -11.13 5.45 21.74
N VAL A 116 -11.00 6.77 21.92
CA VAL A 116 -9.69 7.38 22.03
C VAL A 116 -9.05 6.95 23.36
N GLY A 117 -7.73 7.00 23.43
CA GLY A 117 -7.06 6.61 24.66
C GLY A 117 -6.99 7.77 25.63
N ASP A 118 -6.05 7.72 26.54
CA ASP A 118 -5.82 8.80 27.47
C ASP A 118 -5.14 9.94 26.76
N ARG A 119 -4.56 9.68 25.60
CA ARG A 119 -3.77 10.71 24.91
C ARG A 119 -4.54 11.92 24.37
N VAL A 120 -5.87 11.84 24.32
CA VAL A 120 -6.69 13.00 23.97
C VAL A 120 -7.23 13.64 25.25
N LYS A 121 -6.91 14.89 25.47
CA LYS A 121 -7.21 15.56 26.73
C LYS A 121 -7.98 16.84 26.46
N LEU A 122 -9.25 16.87 26.88
CA LEU A 122 -10.07 18.06 26.72
C LEU A 122 -10.02 18.91 27.98
N ILE A 123 -9.65 20.17 27.83
CA ILE A 123 -9.56 21.09 28.95
C ILE A 123 -10.64 22.16 28.81
N GLU A 124 -11.47 22.23 29.84
CA GLU A 124 -12.60 23.10 29.81
C GLU A 124 -12.28 24.47 30.37
N GLY A 125 -12.88 25.49 29.79
CA GLY A 125 -12.77 26.83 30.32
C GLY A 125 -12.34 27.80 29.24
N PRO A 126 -12.45 29.11 29.54
CA PRO A 126 -12.02 30.14 28.59
C PRO A 126 -10.57 29.91 28.22
N ALA A 127 -10.28 29.72 26.93
CA ALA A 127 -8.94 29.39 26.48
C ALA A 127 -7.92 30.46 26.85
N GLU A 128 -8.37 31.71 26.95
CA GLU A 128 -7.47 32.81 27.27
C GLU A 128 -6.77 32.55 28.60
N ASN A 129 -7.47 31.95 29.56
CA ASN A 129 -6.83 31.60 30.83
C ASN A 129 -6.18 30.21 30.86
N THR A 130 -6.85 29.20 30.32
CA THR A 130 -6.30 27.83 30.42
C THR A 130 -5.04 27.66 29.59
N LEU A 131 -4.95 28.34 28.45
CA LEU A 131 -3.75 28.26 27.60
C LEU A 131 -2.50 28.64 28.39
N LYS A 132 -2.61 29.63 29.29
CA LYS A 132 -1.46 30.04 30.11
C LYS A 132 -1.03 28.98 31.11
N THR A 133 -1.93 28.05 31.45
CA THR A 133 -1.62 27.02 32.43
C THR A 133 -0.89 25.83 31.81
N LEU A 134 -0.87 25.75 30.49
CA LEU A 134 -0.23 24.61 29.84
C LEU A 134 1.29 24.62 30.05
N GLU A 135 1.88 23.43 30.10
CA GLU A 135 3.32 23.28 30.29
C GLU A 135 3.99 22.59 29.09
N GLY A 136 5.29 22.75 28.96
CA GLY A 136 6.04 22.10 27.90
C GLY A 136 5.83 22.76 26.55
N GLU A 137 5.92 21.99 25.47
CA GLU A 137 5.80 22.58 24.15
C GLU A 137 5.04 21.67 23.20
N PHE A 138 4.53 22.28 22.15
CA PHE A 138 3.78 21.55 21.14
C PHE A 138 4.44 21.72 19.76
N ASP A 139 4.43 20.66 18.96
CA ASP A 139 5.01 20.66 17.62
C ASP A 139 3.99 21.16 16.60
N LEU A 140 2.71 21.07 16.94
CA LEU A 140 1.67 21.59 16.06
C LEU A 140 0.58 22.20 16.91
N ILE A 141 0.22 23.43 16.57
CA ILE A 141 -0.84 24.13 17.28
C ILE A 141 -1.90 24.61 16.28
N PHE A 142 -3.13 24.21 16.49
CA PHE A 142 -4.25 24.57 15.62
C PHE A 142 -5.14 25.58 16.33
N VAL A 143 -5.21 26.82 15.83
CA VAL A 143 -6.01 27.88 16.43
C VAL A 143 -7.32 28.04 15.67
N ASP A 144 -8.43 27.71 16.31
CA ASP A 144 -9.71 27.69 15.62
C ASP A 144 -10.83 28.11 16.55
N ALA A 145 -10.57 29.02 17.48
CA ALA A 145 -11.57 29.44 18.47
C ALA A 145 -12.18 30.81 18.15
N ASN A 146 -12.42 31.63 19.18
CA ASN A 146 -12.99 32.96 18.95
C ASN A 146 -12.00 33.82 18.16
N LYS A 147 -12.46 34.38 17.05
CA LYS A 147 -11.57 35.07 16.12
C LYS A 147 -10.96 36.31 16.78
N ASP A 148 -11.66 36.92 17.74
CA ASP A 148 -11.13 38.11 18.38
C ASP A 148 -10.06 37.75 19.43
N GLY A 149 -9.84 36.45 19.65
CA GLY A 149 -8.82 36.00 20.60
C GLY A 149 -7.48 35.54 20.01
N TYR A 150 -7.41 35.40 18.68
CA TYR A 150 -6.24 34.81 18.03
C TYR A 150 -4.94 35.52 18.42
N ALA A 151 -4.94 36.84 18.34
CA ALA A 151 -3.72 37.60 18.64
C ALA A 151 -3.25 37.24 20.05
N GLY A 152 -4.19 37.27 21.00
CA GLY A 152 -3.84 36.98 22.38
C GLY A 152 -3.28 35.58 22.52
N TYR A 153 -3.92 34.63 21.83
CA TYR A 153 -3.47 33.24 21.92
C TYR A 153 -2.03 33.13 21.42
N VAL A 154 -1.77 33.74 20.26
CA VAL A 154 -0.46 33.57 19.65
C VAL A 154 0.56 34.23 20.57
N LYS A 155 0.17 35.36 21.17
CA LYS A 155 1.10 36.06 22.04
C LYS A 155 1.50 35.14 23.20
N THR A 156 0.51 34.52 23.82
CA THR A 156 0.76 33.65 24.95
C THR A 156 1.68 32.55 24.49
N ILE A 157 1.35 32.00 23.33
CA ILE A 157 2.07 30.84 22.82
C ILE A 157 3.53 31.19 22.62
N LEU A 158 3.79 32.38 22.08
CA LEU A 158 5.18 32.70 21.85
C LEU A 158 5.84 33.12 23.15
N ASP A 159 5.11 33.84 24.00
CA ASP A 159 5.75 34.41 25.20
C ASP A 159 6.19 33.29 26.14
N GLN A 160 5.39 32.22 26.21
CA GLN A 160 5.66 31.13 27.14
C GLN A 160 6.38 29.95 26.49
N GLY A 161 6.76 30.09 25.23
CA GLY A 161 7.47 29.04 24.54
C GLY A 161 6.68 27.74 24.44
N LEU A 162 5.40 27.84 24.10
CA LEU A 162 4.52 26.67 23.99
C LEU A 162 4.64 26.04 22.61
N LEU A 163 5.24 26.77 21.69
CA LEU A 163 5.57 26.28 20.36
C LEU A 163 6.99 25.75 20.35
N SER A 164 7.20 24.52 19.91
CA SER A 164 8.55 23.97 19.83
C SER A 164 9.39 24.70 18.78
N ALA A 165 10.71 24.47 18.83
CA ALA A 165 11.65 25.10 17.90
C ALA A 165 11.29 24.88 16.44
N ASN A 166 10.91 23.65 16.11
CA ASN A 166 10.55 23.32 14.74
C ASN A 166 9.04 23.19 14.52
N GLY A 167 8.26 23.67 15.49
CA GLY A 167 6.82 23.58 15.40
C GLY A 167 6.15 24.60 14.50
N ILE A 168 4.86 24.38 14.24
CA ILE A 168 4.10 25.32 13.44
C ILE A 168 2.76 25.62 14.10
N ILE A 169 2.32 26.86 13.94
CA ILE A 169 0.97 27.24 14.32
C ILE A 169 0.15 27.40 13.05
N LEU A 170 -1.02 26.78 13.04
CA LEU A 170 -1.97 26.90 11.94
C LEU A 170 -3.21 27.59 12.45
N CYS A 171 -3.52 28.75 11.90
CA CYS A 171 -4.71 29.51 12.31
C CYS A 171 -5.77 29.45 11.23
N ASP A 172 -6.96 29.00 11.60
CA ASP A 172 -8.04 28.72 10.64
C ASP A 172 -9.04 29.88 10.51
N ASN A 173 -9.73 29.95 9.36
CA ASN A 173 -10.75 30.97 9.10
C ASN A 173 -10.25 32.41 9.14
N VAL A 174 -8.97 32.63 8.83
CA VAL A 174 -8.42 33.98 8.97
C VAL A 174 -9.04 34.97 7.97
N PHE A 175 -9.59 34.48 6.87
CA PHE A 175 -10.21 35.36 5.87
C PHE A 175 -11.59 35.87 6.29
N ALA A 176 -12.21 35.17 7.24
CA ALA A 176 -13.59 35.48 7.66
C ALA A 176 -14.50 35.60 6.42
N ARG A 177 -14.43 34.59 5.57
CA ARG A 177 -15.21 34.48 4.33
C ARG A 177 -14.80 35.49 3.26
N GLY A 178 -13.72 36.23 3.51
CA GLY A 178 -13.27 37.28 2.63
C GLY A 178 -13.37 38.64 3.31
N LEU A 179 -14.13 38.72 4.39
CA LEU A 179 -14.41 40.02 4.99
C LEU A 179 -13.24 40.59 5.79
N THR A 180 -12.26 39.75 6.12
CA THR A 180 -11.01 40.23 6.72
C THR A 180 -10.32 41.21 5.76
N ILE A 181 -10.38 40.91 4.48
CA ILE A 181 -9.72 41.75 3.49
C ILE A 181 -10.51 43.06 3.27
N GLY A 182 -11.82 42.97 3.22
CA GLY A 182 -12.65 44.17 3.12
C GLY A 182 -14.11 43.78 3.19
N PRO A 183 -14.97 44.71 3.62
CA PRO A 183 -16.38 44.34 3.81
C PRO A 183 -17.09 44.03 2.50
N ASP A 184 -16.51 44.44 1.37
CA ASP A 184 -17.12 44.19 0.05
C ASP A 184 -16.56 42.94 -0.65
N CYS A 185 -15.82 42.10 0.08
CA CYS A 185 -15.13 41.00 -0.57
C CYS A 185 -15.88 39.66 -0.55
N ALA A 186 -17.13 39.66 -0.09
CA ALA A 186 -17.93 38.45 -0.09
C ALA A 186 -19.40 38.71 -0.39
N PRO A 187 -19.70 39.18 -1.62
CA PRO A 187 -21.07 39.61 -1.94
C PRO A 187 -22.05 38.45 -1.93
N TRP A 188 -21.54 37.22 -2.09
CA TRP A 188 -22.37 36.00 -2.09
C TRP A 188 -22.86 35.65 -0.69
N LEU A 189 -22.19 36.20 0.33
CA LEU A 189 -22.44 35.77 1.70
C LEU A 189 -23.87 36.05 2.17
N ASN A 190 -24.45 35.10 2.88
CA ASN A 190 -25.76 35.26 3.49
C ASN A 190 -25.82 36.50 4.38
N ASP A 191 -26.75 37.39 4.12
CA ASP A 191 -26.82 38.66 4.86
C ASP A 191 -27.02 38.46 6.36
N HIS A 192 -27.65 37.36 6.74
CA HIS A 192 -27.97 37.10 8.15
C HIS A 192 -26.73 36.85 9.02
N VAL A 193 -25.64 36.39 8.42
CA VAL A 193 -24.41 36.16 9.16
C VAL A 193 -23.33 37.18 8.82
N ARG A 194 -23.68 38.15 8.00
CA ARG A 194 -22.73 39.18 7.57
C ARG A 194 -22.19 40.06 8.72
N PRO A 195 -23.07 40.60 9.60
CA PRO A 195 -22.49 41.38 10.71
C PRO A 195 -21.49 40.60 11.57
N TYR A 196 -21.82 39.35 11.87
CA TYR A 196 -20.93 38.52 12.66
C TYR A 196 -19.56 38.40 11.96
N TRP A 197 -19.57 38.02 10.69
CA TRP A 197 -18.30 37.80 10.00
C TRP A 197 -17.53 39.09 9.76
N ASN A 198 -18.23 40.22 9.66
CA ASN A 198 -17.55 41.50 9.51
C ASN A 198 -16.79 41.85 10.78
N GLY A 199 -17.42 41.59 11.93
CA GLY A 199 -16.74 41.73 13.21
C GLY A 199 -15.49 40.87 13.28
N CYS A 200 -15.66 39.60 12.92
CA CYS A 200 -14.52 38.68 12.88
C CYS A 200 -13.43 39.22 11.96
N GLY A 201 -13.81 39.73 10.80
CA GLY A 201 -12.84 40.21 9.84
C GLY A 201 -12.05 41.38 10.35
N GLN A 202 -12.70 42.31 11.06
CA GLN A 202 -11.97 43.44 11.63
C GLN A 202 -10.93 42.96 12.64
N ALA A 203 -11.35 42.02 13.51
CA ALA A 203 -10.41 41.50 14.50
C ALA A 203 -9.24 40.74 13.82
N LEU A 204 -9.56 39.98 12.79
CA LEU A 204 -8.58 39.14 12.12
C LEU A 204 -7.62 39.96 11.27
N ASP A 205 -8.09 41.11 10.79
CA ASP A 205 -7.20 42.01 10.07
C ASP A 205 -6.19 42.61 11.05
N LYS A 206 -6.66 43.02 12.23
CA LYS A 206 -5.71 43.51 13.24
C LYS A 206 -4.70 42.41 13.65
N PHE A 207 -5.21 41.19 13.83
CA PHE A 207 -4.39 40.01 14.14
C PHE A 207 -3.27 39.85 13.12
N SER A 208 -3.67 39.81 11.85
CA SER A 208 -2.75 39.59 10.73
C SER A 208 -1.69 40.67 10.66
N ALA A 209 -2.09 41.92 10.84
CA ALA A 209 -1.12 43.02 10.80
C ALA A 209 -0.15 42.94 11.97
N GLY A 210 -0.66 42.52 13.13
CA GLY A 210 0.18 42.38 14.31
C GLY A 210 1.26 41.32 14.16
N LEU A 211 0.92 40.22 13.50
CA LEU A 211 1.93 39.17 13.27
C LEU A 211 3.14 39.71 12.51
N MET A 212 2.90 40.63 11.60
CA MET A 212 3.99 41.15 10.78
C MET A 212 4.95 42.01 11.60
N GLU A 213 4.53 42.46 12.78
CA GLU A 213 5.37 43.31 13.60
C GLU A 213 6.17 42.51 14.64
N ASP A 214 5.93 41.20 14.71
CA ASP A 214 6.57 40.38 15.75
C ASP A 214 7.87 39.80 15.22
N PRO A 215 8.99 40.23 15.82
CA PRO A 215 10.30 39.85 15.26
C PRO A 215 10.66 38.39 15.52
N ARG A 216 9.83 37.66 16.25
CA ARG A 216 10.17 36.27 16.60
C ARG A 216 9.75 35.26 15.53
N ILE A 217 8.89 35.68 14.61
CA ILE A 217 8.19 34.72 13.76
C ILE A 217 8.25 35.01 12.27
N ASP A 218 8.18 33.94 11.48
CA ASP A 218 7.88 34.01 10.05
C ASP A 218 6.41 33.67 9.83
N VAL A 219 5.77 34.42 8.95
CA VAL A 219 4.33 34.28 8.71
C VAL A 219 4.01 34.03 7.24
N LEU A 220 3.09 33.11 7.01
CA LEU A 220 2.55 32.93 5.67
C LEU A 220 1.06 32.81 5.74
N LEU A 221 0.36 33.77 5.15
CA LEU A 221 -1.10 33.73 5.07
C LEU A 221 -1.46 33.03 3.78
N LEU A 222 -1.80 31.75 3.92
CA LEU A 222 -2.10 30.87 2.80
C LEU A 222 -3.55 30.97 2.34
N PRO A 223 -3.76 31.31 1.05
CA PRO A 223 -5.13 31.49 0.55
C PRO A 223 -5.77 30.14 0.21
N VAL A 224 -5.96 29.33 1.25
CA VAL A 224 -6.58 28.01 1.11
C VAL A 224 -7.72 27.94 2.14
N PHE A 225 -8.77 27.19 1.82
CA PHE A 225 -9.94 27.05 2.70
C PHE A 225 -10.47 28.45 3.03
N ASP A 226 -10.66 28.77 4.31
CA ASP A 226 -11.17 30.09 4.69
C ASP A 226 -10.00 30.97 5.18
N GLY A 227 -8.81 30.72 4.62
CA GLY A 227 -7.62 31.45 4.98
C GLY A 227 -6.89 30.76 6.12
N VAL A 228 -5.65 30.36 5.89
CA VAL A 228 -4.90 29.66 6.93
C VAL A 228 -3.57 30.37 7.16
N THR A 229 -3.39 30.93 8.36
CA THR A 229 -2.12 31.54 8.68
C THR A 229 -1.16 30.52 9.27
N GLN A 230 -0.01 30.34 8.61
CA GLN A 230 1.07 29.49 9.12
C GLN A 230 2.08 30.35 9.85
N ILE A 231 2.45 29.94 11.05
CA ILE A 231 3.40 30.71 11.86
C ILE A 231 4.52 29.79 12.31
N ARG A 232 5.77 30.23 12.14
CA ARG A 232 6.90 29.46 12.68
C ARG A 232 7.85 30.40 13.38
N TRP A 233 8.72 29.89 14.24
CA TRP A 233 9.81 30.70 14.72
C TRP A 233 10.73 31.05 13.55
N LYS A 234 11.20 32.29 13.48
CA LYS A 234 12.34 32.61 12.62
C LYS A 234 13.51 31.72 12.96
N ASP A 235 14.34 31.37 11.96
CA ASP A 235 15.50 30.52 12.22
C ASP A 235 16.28 31.00 13.45
N GLY A 236 16.56 32.29 13.50
CA GLY A 236 17.35 32.85 14.59
C GLY A 236 16.65 32.98 15.92
N ALA A 237 15.31 32.90 15.91
CA ALA A 237 14.50 33.10 17.11
C ALA A 237 14.25 31.80 17.86
N GLN A 238 14.60 30.68 17.24
CA GLN A 238 14.47 29.38 17.90
C GLN A 238 15.37 29.34 19.12
N ARG A 239 14.88 28.72 20.19
CA ARG A 239 15.62 28.69 21.45
C ARG A 239 15.75 27.25 21.94
N ALA A 240 16.68 27.03 22.86
CA ALA A 240 16.93 25.68 23.39
C ALA A 240 16.11 25.42 24.65
N LEU B 2 -21.85 22.31 0.87
CA LEU B 2 -20.91 23.41 0.98
C LEU B 2 -19.47 22.90 0.78
N GLY B 3 -18.67 23.71 0.11
CA GLY B 3 -17.31 23.33 -0.25
C GLY B 3 -16.24 23.97 0.60
N SER B 4 -14.99 23.78 0.20
CA SER B 4 -13.86 24.29 0.96
C SER B 4 -13.15 25.43 0.25
N ILE B 5 -13.77 25.93 -0.81
CA ILE B 5 -13.15 27.01 -1.57
C ILE B 5 -14.03 28.27 -1.59
N LEU B 6 -13.45 29.41 -1.23
CA LEU B 6 -14.17 30.69 -1.25
C LEU B 6 -14.35 31.19 -2.69
N PRO B 7 -15.58 31.57 -3.06
CA PRO B 7 -15.73 32.08 -4.43
C PRO B 7 -15.34 33.56 -4.50
N PHE B 8 -14.47 33.92 -5.44
CA PHE B 8 -14.09 35.32 -5.68
C PHE B 8 -14.23 35.66 -7.17
N ASN B 9 -14.59 36.90 -7.50
CA ASN B 9 -14.46 37.30 -8.91
C ASN B 9 -13.00 37.72 -9.13
N GLU B 10 -12.64 38.09 -10.35
CA GLU B 10 -11.24 38.39 -10.68
C GLU B 10 -10.65 39.52 -9.81
N GLU B 11 -11.38 40.64 -9.75
CA GLU B 11 -10.90 41.81 -9.01
C GLU B 11 -10.65 41.46 -7.55
N THR B 12 -11.61 40.74 -6.97
CA THR B 12 -11.53 40.38 -5.56
C THR B 12 -10.46 39.31 -5.31
N ALA B 13 -10.34 38.32 -6.18
CA ALA B 13 -9.23 37.37 -6.05
C ALA B 13 -7.90 38.12 -6.00
N ASP B 14 -7.76 39.11 -6.87
CA ASP B 14 -6.50 39.86 -6.90
C ASP B 14 -6.31 40.68 -5.62
N ARG B 15 -7.39 41.28 -5.10
CA ARG B 15 -7.28 41.98 -3.83
C ARG B 15 -6.87 41.06 -2.66
N VAL B 16 -7.44 39.87 -2.63
CA VAL B 16 -7.15 38.95 -1.54
C VAL B 16 -5.71 38.44 -1.64
N SER B 17 -5.26 38.19 -2.87
CA SER B 17 -3.87 37.79 -3.09
C SER B 17 -2.90 38.91 -2.64
N ALA B 18 -3.22 40.16 -3.00
CA ALA B 18 -2.37 41.26 -2.54
C ALA B 18 -2.34 41.35 -1.00
N TYR B 19 -3.49 41.09 -0.39
CA TYR B 19 -3.60 41.11 1.07
C TYR B 19 -2.72 40.01 1.70
N CYS B 20 -2.74 38.83 1.11
CA CYS B 20 -1.86 37.74 1.57
C CYS B 20 -0.40 38.09 1.45
N GLU B 21 -0.03 38.81 0.42
CA GLU B 21 1.33 39.21 0.22
C GLU B 21 1.75 40.20 1.25
N LYS B 22 0.89 41.14 1.49
CA LYS B 22 1.16 42.18 2.47
C LYS B 22 1.30 41.59 3.88
N ASN B 23 0.56 40.52 4.16
CA ASN B 23 0.54 39.96 5.50
C ASN B 23 1.29 38.62 5.62
N SER B 24 2.26 38.43 4.74
CA SER B 24 3.15 37.27 4.78
C SER B 24 4.56 37.83 4.67
N HIS B 25 5.54 37.07 5.13
CA HIS B 25 6.95 37.43 4.94
C HIS B 25 7.19 37.73 3.46
N GLY B 26 7.83 38.85 3.15
CA GLY B 26 8.08 39.19 1.76
C GLY B 26 9.25 38.42 1.19
N ILE B 27 9.32 38.34 -0.14
CA ILE B 27 10.48 37.72 -0.81
C ILE B 27 11.55 38.78 -0.97
N PRO B 28 12.82 38.35 -1.13
CA PRO B 28 13.90 39.33 -1.23
C PRO B 28 13.78 40.22 -2.45
N ASP B 29 14.28 41.46 -2.35
CA ASP B 29 14.31 42.39 -3.47
C ASP B 29 14.86 41.76 -4.74
N ALA B 30 15.95 40.99 -4.61
CA ALA B 30 16.59 40.36 -5.76
C ALA B 30 15.65 39.41 -6.51
N LEU B 31 14.80 38.74 -5.75
CA LEU B 31 13.84 37.80 -6.31
C LEU B 31 12.70 38.53 -7.04
N VAL B 32 12.21 39.61 -6.45
CA VAL B 32 11.27 40.50 -7.13
C VAL B 32 11.85 41.02 -8.46
N GLU B 33 13.10 41.45 -8.38
CA GLU B 33 13.83 41.94 -9.55
C GLU B 33 13.87 40.87 -10.63
N HIS B 34 14.19 39.64 -10.24
CA HIS B 34 14.29 38.56 -11.20
C HIS B 34 12.93 38.23 -11.84
N TRP B 35 11.89 38.22 -11.00
CA TRP B 35 10.53 38.01 -11.46
C TRP B 35 10.11 39.04 -12.54
N GLU B 36 10.37 40.32 -12.26
CA GLU B 36 10.04 41.38 -13.21
C GLU B 36 10.89 41.31 -14.49
N TRP B 37 12.17 40.98 -14.32
CA TRP B 37 13.11 40.79 -15.45
C TRP B 37 12.59 39.70 -16.40
N THR B 38 12.15 38.62 -15.79
CA THR B 38 11.63 37.49 -16.54
C THR B 38 10.40 37.91 -17.32
N ARG B 39 9.51 38.63 -16.67
CA ARG B 39 8.30 39.07 -17.36
C ARG B 39 8.59 40.05 -18.49
N THR B 40 9.71 40.75 -18.38
CA THR B 40 10.13 41.67 -19.43
C THR B 40 10.69 40.93 -20.64
N ARG B 41 11.44 39.85 -20.40
CA ARG B 41 12.18 39.19 -21.50
C ARG B 41 11.42 38.10 -22.28
N PHE B 42 10.46 37.43 -21.65
CA PHE B 42 9.87 36.23 -22.27
C PHE B 42 8.37 36.30 -22.42
N PRO B 43 7.87 35.94 -23.61
CA PRO B 43 6.44 36.10 -23.88
C PRO B 43 5.60 35.06 -23.11
N ASP B 44 6.22 33.97 -22.67
CA ASP B 44 5.46 32.95 -21.95
C ASP B 44 5.68 33.00 -20.44
N ALA B 45 6.01 34.18 -19.92
CA ALA B 45 6.35 34.34 -18.50
C ALA B 45 5.21 34.07 -17.55
N ASP B 46 3.99 33.90 -18.07
CA ASP B 46 2.87 33.54 -17.20
C ASP B 46 3.04 32.16 -16.60
N LYS B 47 3.99 31.38 -17.14
CA LYS B 47 4.33 30.07 -16.60
C LYS B 47 5.07 30.14 -15.27
N MET B 48 5.74 31.26 -15.02
CA MET B 48 6.48 31.45 -13.78
C MET B 48 5.58 31.55 -12.54
N SER B 49 6.02 31.01 -11.42
CA SER B 49 5.26 31.14 -10.16
C SER B 49 5.05 32.60 -9.75
N SER B 50 4.05 32.84 -8.90
CA SER B 50 3.73 34.18 -8.44
C SER B 50 4.65 34.64 -7.31
N ARG B 51 4.55 35.93 -6.93
CA ARG B 51 5.31 36.42 -5.77
C ARG B 51 4.90 35.74 -4.47
N LEU B 52 3.58 35.63 -4.25
CA LEU B 52 3.07 34.96 -3.04
C LEU B 52 3.53 33.50 -3.00
N GLN B 53 3.47 32.83 -4.14
CA GLN B 53 3.96 31.45 -4.22
C GLN B 53 5.44 31.37 -3.85
N GLY B 54 6.22 32.37 -4.23
CA GLY B 54 7.61 32.46 -3.82
C GLY B 54 7.75 32.53 -2.32
N SER B 55 6.88 33.32 -1.68
N SER B 55 6.90 33.33 -1.68
CA SER B 55 6.88 33.39 -0.22
CA SER B 55 6.94 33.38 -0.21
C SER B 55 6.62 32.02 0.38
C SER B 55 6.61 32.01 0.40
N TRP B 56 5.66 31.31 -0.20
CA TRP B 56 5.32 29.95 0.21
C TRP B 56 6.49 28.98 0.06
N MET B 57 7.22 29.06 -1.06
CA MET B 57 8.38 28.20 -1.25
C MET B 57 9.43 28.46 -0.18
N ILE B 58 9.71 29.74 0.07
CA ILE B 58 10.74 30.05 1.06
C ILE B 58 10.33 29.59 2.48
N PHE B 59 9.11 29.92 2.89
CA PHE B 59 8.57 29.41 4.17
C PHE B 59 8.68 27.89 4.25
N THR B 60 8.29 27.20 3.20
CA THR B 60 8.21 25.74 3.24
C THR B 60 9.62 25.16 3.36
N ALA B 61 10.57 25.72 2.63
CA ALA B 61 11.95 25.24 2.72
C ALA B 61 12.54 25.54 4.11
N ARG B 62 12.28 26.72 4.66
CA ARG B 62 12.80 27.06 5.98
C ARG B 62 12.21 26.16 7.08
N ASP B 63 10.94 25.85 6.91
CA ASP B 63 10.21 25.01 7.86
C ASP B 63 10.66 23.55 7.80
N ARG B 64 10.63 22.96 6.62
CA ARG B 64 10.94 21.54 6.44
C ARG B 64 12.43 21.21 6.53
N LYS B 65 13.26 22.17 6.22
CA LYS B 65 14.69 22.03 6.24
C LYS B 65 15.20 20.82 5.44
N PRO B 66 14.90 20.77 4.17
CA PRO B 66 15.33 19.63 3.34
C PRO B 66 16.84 19.65 3.13
N LYS B 67 17.45 18.46 3.07
CA LYS B 67 18.90 18.36 2.83
C LYS B 67 19.21 18.51 1.35
N ARG B 68 18.30 18.04 0.51
CA ARG B 68 18.46 18.11 -0.94
C ARG B 68 17.12 18.37 -1.55
N ILE B 69 17.09 19.25 -2.56
CA ILE B 69 15.85 19.63 -3.24
C ILE B 69 15.98 19.31 -4.73
N LEU B 70 14.95 18.74 -5.30
CA LEU B 70 14.91 18.50 -6.74
C LEU B 70 13.77 19.30 -7.32
N GLU B 71 14.02 20.02 -8.40
CA GLU B 71 12.97 20.74 -9.12
C GLU B 71 12.93 20.28 -10.57
N ILE B 72 11.74 20.02 -11.08
CA ILE B 72 11.58 19.65 -12.48
C ILE B 72 10.82 20.79 -13.18
N GLY B 73 11.51 21.49 -14.09
CA GLY B 73 10.96 22.69 -14.70
C GLY B 73 11.55 23.95 -14.11
N CYS B 74 12.70 24.39 -14.64
CA CYS B 74 13.42 25.54 -14.09
C CYS B 74 12.88 26.87 -14.62
N TYR B 75 12.54 26.90 -15.90
CA TYR B 75 12.13 28.13 -16.61
C TYR B 75 13.23 29.19 -16.48
N SER B 76 12.97 30.31 -15.82
CA SER B 76 14.00 31.35 -15.69
C SER B 76 14.80 31.26 -14.39
N GLY B 77 14.49 30.27 -13.55
CA GLY B 77 15.21 30.07 -12.32
C GLY B 77 14.56 30.69 -11.09
N TYR B 78 13.34 31.20 -11.24
CA TYR B 78 12.66 31.89 -10.12
C TYR B 78 12.45 30.98 -8.91
N SER B 79 11.90 29.80 -9.17
CA SER B 79 11.56 28.93 -8.04
C SER B 79 12.85 28.33 -7.46
N ALA B 80 13.85 28.11 -8.29
CA ALA B 80 15.16 27.67 -7.80
C ALA B 80 15.77 28.70 -6.87
N LEU B 81 15.64 29.99 -7.22
CA LEU B 81 16.18 31.05 -6.37
C LEU B 81 15.40 31.10 -5.06
N ALA B 82 14.10 30.83 -5.13
CA ALA B 82 13.32 30.75 -3.89
C ALA B 82 13.78 29.58 -2.99
N TRP B 83 13.99 28.39 -3.58
CA TRP B 83 14.49 27.26 -2.78
C TRP B 83 15.85 27.58 -2.17
N TYR B 84 16.70 28.21 -2.97
CA TYR B 84 18.00 28.68 -2.51
C TYR B 84 17.87 29.61 -1.30
N GLU B 85 17.00 30.60 -1.39
CA GLU B 85 16.81 31.52 -0.27
C GLU B 85 16.30 30.77 0.97
N GLY B 86 15.41 29.83 0.73
CA GLY B 86 14.82 29.09 1.83
C GLY B 86 15.78 28.09 2.45
N THR B 87 16.91 27.83 1.80
CA THR B 87 17.85 26.87 2.39
C THR B 87 19.23 27.46 2.74
N ARG B 88 19.31 28.79 2.87
CA ARG B 88 20.57 29.45 3.20
C ARG B 88 21.19 28.92 4.49
N ASP B 89 20.35 28.59 5.46
CA ASP B 89 20.82 28.07 6.73
C ASP B 89 21.49 26.68 6.62
N THR B 90 20.93 25.79 5.81
CA THR B 90 21.43 24.42 5.78
C THR B 90 22.36 24.13 4.61
N LYS B 91 22.48 25.08 3.71
CA LYS B 91 23.28 24.90 2.54
C LYS B 91 22.88 23.68 1.68
N ALA B 92 21.60 23.47 1.60
CA ALA B 92 21.08 22.36 0.83
C ALA B 92 21.50 22.37 -0.63
N GLU B 93 21.70 21.19 -1.17
CA GLU B 93 21.95 20.99 -2.58
C GLU B 93 20.63 21.11 -3.32
N ILE B 94 20.63 21.82 -4.44
CA ILE B 94 19.44 22.00 -5.25
C ILE B 94 19.75 21.53 -6.68
N VAL B 95 18.93 20.63 -7.19
CA VAL B 95 19.10 20.14 -8.56
C VAL B 95 17.86 20.57 -9.31
N THR B 96 18.04 21.21 -10.46
CA THR B 96 16.88 21.61 -11.24
C THR B 96 17.04 21.14 -12.69
N LEU B 97 15.93 20.72 -13.27
CA LEU B 97 15.93 20.10 -14.60
C LEU B 97 15.24 20.99 -15.61
N GLU B 98 15.84 21.14 -16.79
CA GLU B 98 15.20 21.98 -17.81
C GLU B 98 15.64 21.57 -19.22
N TYR B 99 14.74 21.64 -20.18
CA TYR B 99 15.10 21.25 -21.51
C TYR B 99 15.19 22.33 -22.59
N SER B 100 14.75 23.53 -22.31
CA SER B 100 14.76 24.61 -23.31
C SER B 100 16.06 25.41 -23.30
N PRO B 101 16.78 25.44 -24.44
CA PRO B 101 18.02 26.20 -24.53
C PRO B 101 17.86 27.66 -24.12
N LYS B 102 16.80 28.32 -24.60
CA LYS B 102 16.54 29.71 -24.24
C LYS B 102 16.49 29.89 -22.73
N MET B 103 15.76 28.99 -22.07
CA MET B 103 15.53 29.13 -20.66
C MET B 103 16.72 28.65 -19.87
N ILE B 104 17.46 27.69 -20.40
CA ILE B 104 18.75 27.31 -19.81
C ILE B 104 19.67 28.53 -19.73
N ALA B 105 19.83 29.21 -20.86
CA ALA B 105 20.64 30.43 -20.89
C ALA B 105 20.12 31.49 -19.89
N ALA B 106 18.81 31.72 -19.90
CA ALA B 106 18.19 32.65 -18.94
C ALA B 106 18.58 32.31 -17.48
N SER B 107 18.42 31.03 -17.16
CA SER B 107 18.64 30.56 -15.80
C SER B 107 20.10 30.65 -15.39
N ARG B 108 21.01 30.23 -16.25
CA ARG B 108 22.43 30.33 -15.92
C ARG B 108 22.85 31.79 -15.73
N GLU B 109 22.28 32.68 -16.56
CA GLU B 109 22.53 34.11 -16.39
C GLU B 109 22.07 34.60 -14.99
N ALA B 110 20.85 34.26 -14.63
CA ALA B 110 20.33 34.66 -13.33
C ALA B 110 21.14 34.06 -12.16
N PHE B 111 21.52 32.79 -12.27
CA PHE B 111 22.26 32.11 -11.22
C PHE B 111 23.63 32.75 -11.04
N LYS B 112 24.26 33.13 -12.15
CA LYS B 112 25.54 33.83 -12.05
C LYS B 112 25.36 35.20 -11.39
N LYS B 113 24.31 35.91 -11.80
CA LYS B 113 24.10 37.26 -11.28
C LYS B 113 23.80 37.26 -9.78
N TYR B 114 23.03 36.29 -9.31
N TYR B 114 23.02 36.31 -9.31
CA TYR B 114 22.59 36.29 -7.94
CA TYR B 114 22.51 36.25 -7.95
C TYR B 114 23.54 35.55 -7.02
C TYR B 114 23.54 35.60 -7.03
N GLY B 115 24.45 34.84 -7.60
CA GLY B 115 25.52 34.22 -6.83
C GLY B 115 25.17 32.89 -6.20
N VAL B 116 24.33 32.10 -6.87
CA VAL B 116 23.81 30.87 -6.27
C VAL B 116 24.37 29.57 -6.86
N GLY B 117 25.40 29.67 -7.68
CA GLY B 117 25.95 28.49 -8.34
C GLY B 117 26.64 27.52 -7.42
N ASP B 118 26.99 27.96 -6.22
CA ASP B 118 27.63 27.08 -5.25
C ASP B 118 26.71 25.90 -4.83
N ARG B 119 25.39 26.09 -4.88
CA ARG B 119 24.47 25.04 -4.42
C ARG B 119 23.42 24.61 -5.45
N VAL B 120 23.27 25.42 -6.50
CA VAL B 120 22.26 25.12 -7.52
C VAL B 120 22.94 24.47 -8.72
N LYS B 121 22.47 23.28 -9.06
CA LYS B 121 22.98 22.54 -10.21
C LYS B 121 21.85 22.41 -11.21
N LEU B 122 22.05 22.97 -12.40
CA LEU B 122 21.07 22.90 -13.47
C LEU B 122 21.48 21.85 -14.49
N ILE B 123 20.62 20.86 -14.72
CA ILE B 123 20.89 19.81 -15.71
C ILE B 123 20.00 20.00 -16.94
N GLU B 124 20.66 20.12 -18.09
CA GLU B 124 19.97 20.38 -19.35
C GLU B 124 19.64 19.08 -20.08
N GLY B 125 18.36 18.94 -20.44
CA GLY B 125 17.93 17.78 -21.21
C GLY B 125 16.46 17.49 -20.93
N PRO B 126 15.85 16.62 -21.75
CA PRO B 126 14.48 16.18 -21.49
C PRO B 126 14.41 15.52 -20.12
N ALA B 127 13.62 16.09 -19.22
CA ALA B 127 13.58 15.61 -17.83
C ALA B 127 13.18 14.15 -17.73
N GLU B 128 12.42 13.66 -18.71
CA GLU B 128 11.97 12.29 -18.65
C GLU B 128 13.19 11.39 -18.71
N ASN B 129 14.22 11.85 -19.42
CA ASN B 129 15.48 11.11 -19.48
C ASN B 129 16.40 11.43 -18.31
N THR B 130 16.64 12.71 -18.06
CA THR B 130 17.64 13.10 -17.06
C THR B 130 17.25 12.70 -15.64
N LEU B 131 15.95 12.75 -15.32
CA LEU B 131 15.46 12.37 -14.00
C LEU B 131 15.87 10.95 -13.63
N LYS B 132 15.84 10.05 -14.59
CA LYS B 132 16.22 8.67 -14.34
C LYS B 132 17.69 8.52 -13.97
N THR B 133 18.53 9.47 -14.41
CA THR B 133 19.97 9.35 -14.18
C THR B 133 20.39 9.84 -12.79
N LEU B 134 19.50 10.49 -12.05
CA LEU B 134 19.85 10.98 -10.73
C LEU B 134 20.01 9.84 -9.72
N GLU B 135 20.83 10.07 -8.70
CA GLU B 135 21.04 9.05 -7.66
C GLU B 135 20.72 9.63 -6.30
N GLY B 136 20.65 8.77 -5.29
CA GLY B 136 20.38 9.23 -3.94
C GLY B 136 18.91 9.61 -3.75
N GLU B 137 18.63 10.49 -2.81
CA GLU B 137 17.26 10.87 -2.57
C GLU B 137 17.10 12.35 -2.26
N PHE B 138 15.88 12.84 -2.43
CA PHE B 138 15.57 14.25 -2.22
C PHE B 138 14.46 14.37 -1.17
N ASP B 139 14.60 15.35 -0.27
CA ASP B 139 13.66 15.55 0.83
C ASP B 139 12.47 16.39 0.41
N LEU B 140 12.67 17.19 -0.64
CA LEU B 140 11.60 18.01 -1.21
C LEU B 140 11.76 17.97 -2.72
N ILE B 141 10.68 17.59 -3.40
CA ILE B 141 10.70 17.57 -4.87
C ILE B 141 9.57 18.44 -5.41
N PHE B 142 9.89 19.42 -6.25
CA PHE B 142 8.93 20.36 -6.81
C PHE B 142 8.73 20.00 -8.29
N VAL B 143 7.56 19.50 -8.65
CA VAL B 143 7.24 19.10 -10.01
C VAL B 143 6.44 20.19 -10.73
N ASP B 144 7.04 20.80 -11.75
CA ASP B 144 6.48 21.99 -12.36
C ASP B 144 6.92 22.14 -13.81
N ALA B 145 6.97 21.02 -14.54
CA ALA B 145 7.40 21.07 -15.96
C ALA B 145 6.20 20.88 -16.90
N ASN B 146 6.38 20.10 -17.96
CA ASN B 146 5.28 19.80 -18.87
C ASN B 146 4.21 19.03 -18.12
N LYS B 147 2.97 19.50 -18.18
CA LYS B 147 1.91 18.93 -17.35
C LYS B 147 1.66 17.48 -17.74
N ASP B 148 1.73 17.21 -19.05
CA ASP B 148 1.50 15.87 -19.56
C ASP B 148 2.63 14.90 -19.19
N GLY B 149 3.66 15.39 -18.52
CA GLY B 149 4.71 14.51 -18.03
C GLY B 149 4.64 14.16 -16.55
N TYR B 150 3.75 14.85 -15.81
CA TYR B 150 3.74 14.68 -14.34
C TYR B 150 3.68 13.20 -13.88
N ALA B 151 2.79 12.43 -14.49
CA ALA B 151 2.62 11.02 -14.11
C ALA B 151 3.96 10.29 -14.26
N GLY B 152 4.59 10.47 -15.42
CA GLY B 152 5.85 9.79 -15.70
C GLY B 152 6.87 10.19 -14.64
N TYR B 153 6.89 11.47 -14.31
CA TYR B 153 7.90 11.97 -13.41
C TYR B 153 7.66 11.29 -12.06
N VAL B 154 6.40 11.26 -11.64
CA VAL B 154 6.18 10.77 -10.28
C VAL B 154 6.51 9.28 -10.31
N LYS B 155 6.20 8.62 -11.42
CA LYS B 155 6.46 7.19 -11.46
C LYS B 155 7.97 6.96 -11.24
N THR B 156 8.78 7.74 -11.94
CA THR B 156 10.21 7.52 -11.87
C THR B 156 10.67 7.75 -10.45
N ILE B 157 10.15 8.83 -9.89
CA ILE B 157 10.55 9.24 -8.55
C ILE B 157 10.20 8.14 -7.57
N LEU B 158 9.03 7.54 -7.73
CA LEU B 158 8.66 6.53 -6.75
C LEU B 158 9.44 5.26 -7.04
N ASP B 159 9.61 4.93 -8.32
CA ASP B 159 10.15 3.61 -8.64
C ASP B 159 11.62 3.52 -8.26
N GLN B 160 12.31 4.66 -8.37
CA GLN B 160 13.76 4.66 -8.15
C GLN B 160 14.12 5.16 -6.76
N GLY B 161 13.11 5.43 -5.95
CA GLY B 161 13.31 5.88 -4.58
C GLY B 161 14.01 7.22 -4.49
N LEU B 162 13.64 8.15 -5.36
CA LEU B 162 14.28 9.46 -5.36
C LEU B 162 13.70 10.36 -4.28
N LEU B 163 12.58 9.93 -3.70
CA LEU B 163 11.94 10.62 -2.59
C LEU B 163 12.36 9.97 -1.28
N SER B 164 12.91 10.75 -0.36
CA SER B 164 13.34 10.20 0.94
C SER B 164 12.13 9.79 1.77
N ALA B 165 12.38 8.97 2.79
CA ALA B 165 11.32 8.43 3.65
C ALA B 165 10.37 9.49 4.22
N ASN B 166 10.92 10.60 4.69
CA ASN B 166 10.09 11.66 5.27
C ASN B 166 9.97 12.87 4.36
N GLY B 167 10.22 12.65 3.07
CA GLY B 167 10.16 13.70 2.08
C GLY B 167 8.76 13.98 1.57
N ILE B 168 8.63 15.05 0.79
CA ILE B 168 7.38 15.38 0.14
C ILE B 168 7.60 15.76 -1.34
N ILE B 169 6.64 15.40 -2.18
CA ILE B 169 6.54 15.88 -3.55
C ILE B 169 5.45 16.92 -3.61
N LEU B 170 5.75 18.05 -4.25
CA LEU B 170 4.79 19.13 -4.44
C LEU B 170 4.61 19.33 -5.94
N CYS B 171 3.40 19.09 -6.44
CA CYS B 171 3.12 19.23 -7.88
C CYS B 171 2.34 20.51 -8.08
N ASP B 172 2.82 21.36 -8.98
CA ASP B 172 2.26 22.69 -9.18
C ASP B 172 1.30 22.76 -10.36
N ASN B 173 0.37 23.73 -10.31
CA ASN B 173 -0.55 24.01 -11.42
C ASN B 173 -1.48 22.85 -11.77
N VAL B 174 -1.83 22.05 -10.77
CA VAL B 174 -2.62 20.84 -11.02
C VAL B 174 -4.03 21.18 -11.55
N PHE B 175 -4.51 22.38 -11.25
CA PHE B 175 -5.85 22.79 -11.71
C PHE B 175 -5.92 23.26 -13.15
N ALA B 176 -4.75 23.60 -13.73
CA ALA B 176 -4.68 24.21 -15.06
C ALA B 176 -5.69 25.37 -15.18
N ARG B 177 -5.57 26.30 -14.24
CA ARG B 177 -6.43 27.50 -14.15
C ARG B 177 -7.88 27.15 -13.87
N GLY B 178 -8.13 25.89 -13.54
CA GLY B 178 -9.47 25.39 -13.29
C GLY B 178 -9.91 24.37 -14.33
N LEU B 179 -9.24 24.36 -15.48
CA LEU B 179 -9.74 23.54 -16.59
C LEU B 179 -9.54 22.04 -16.36
N THR B 180 -8.68 21.69 -15.43
CA THR B 180 -8.53 20.28 -15.04
C THR B 180 -9.87 19.70 -14.57
N ILE B 181 -10.65 20.52 -13.87
CA ILE B 181 -11.95 20.05 -13.40
C ILE B 181 -12.89 19.96 -14.59
N GLY B 182 -12.83 20.97 -15.46
CA GLY B 182 -13.61 20.93 -16.68
C GLY B 182 -13.37 22.17 -17.52
N PRO B 183 -13.56 22.06 -18.84
CA PRO B 183 -13.39 23.14 -19.82
C PRO B 183 -14.24 24.36 -19.49
N ASP B 184 -15.25 24.16 -18.65
CA ASP B 184 -16.20 25.22 -18.32
C ASP B 184 -15.85 25.92 -17.03
N CYS B 185 -14.72 25.54 -16.42
CA CYS B 185 -14.40 26.05 -15.09
C CYS B 185 -13.48 27.29 -15.04
N ALA B 186 -13.24 27.96 -16.17
CA ALA B 186 -12.54 29.25 -16.13
C ALA B 186 -12.99 30.22 -17.22
N PRO B 187 -14.24 30.72 -17.12
CA PRO B 187 -14.84 31.61 -18.13
C PRO B 187 -14.03 32.89 -18.36
N TRP B 188 -13.28 33.31 -17.35
CA TRP B 188 -12.50 34.54 -17.42
C TRP B 188 -11.22 34.40 -18.27
N LEU B 189 -10.74 33.17 -18.44
CA LEU B 189 -9.51 32.92 -19.17
C LEU B 189 -9.59 33.43 -20.59
N ASN B 190 -8.52 34.06 -21.06
CA ASN B 190 -8.48 34.54 -22.45
C ASN B 190 -8.53 33.36 -23.42
N ASP B 191 -9.32 33.47 -24.47
CA ASP B 191 -9.47 32.36 -25.42
C ASP B 191 -8.14 31.93 -26.03
N HIS B 192 -7.24 32.85 -26.25
CA HIS B 192 -5.99 32.53 -26.84
C HIS B 192 -5.16 31.47 -26.13
N VAL B 193 -5.25 31.38 -24.82
CA VAL B 193 -4.49 30.35 -24.10
C VAL B 193 -5.39 29.19 -23.69
N ARG B 194 -6.64 29.19 -24.15
CA ARG B 194 -7.57 28.13 -23.78
C ARG B 194 -7.18 26.72 -24.26
N PRO B 195 -6.78 26.58 -25.54
CA PRO B 195 -6.34 25.25 -25.99
C PRO B 195 -5.24 24.67 -25.10
N TYR B 196 -4.15 25.40 -24.93
CA TYR B 196 -3.05 24.96 -24.06
C TYR B 196 -3.55 24.46 -22.71
N TRP B 197 -4.20 25.32 -21.96
CA TRP B 197 -4.63 24.94 -20.61
C TRP B 197 -5.63 23.79 -20.66
N ASN B 198 -6.47 23.73 -21.71
CA ASN B 198 -7.40 22.61 -21.77
C ASN B 198 -6.62 21.32 -21.93
N GLY B 199 -5.62 21.38 -22.79
CA GLY B 199 -4.72 20.26 -22.99
C GLY B 199 -4.10 19.86 -21.66
N CYS B 200 -3.68 20.86 -20.87
CA CYS B 200 -3.01 20.51 -19.63
C CYS B 200 -4.02 19.85 -18.69
N GLY B 201 -5.25 20.37 -18.74
CA GLY B 201 -6.29 19.96 -17.80
C GLY B 201 -6.58 18.47 -17.90
N GLN B 202 -6.81 18.02 -19.12
CA GLN B 202 -7.08 16.61 -19.34
C GLN B 202 -5.91 15.80 -18.79
N ALA B 203 -4.68 16.24 -19.10
CA ALA B 203 -3.54 15.42 -18.73
C ALA B 203 -3.49 15.35 -17.21
N LEU B 204 -3.80 16.49 -16.58
CA LEU B 204 -3.58 16.60 -15.15
C LEU B 204 -4.71 15.87 -14.44
N ASP B 205 -5.83 15.72 -15.13
CA ASP B 205 -6.89 14.92 -14.55
C ASP B 205 -6.43 13.46 -14.53
N LYS B 206 -5.91 12.96 -15.63
CA LYS B 206 -5.43 11.59 -15.66
C LYS B 206 -4.41 11.32 -14.55
N PHE B 207 -3.45 12.21 -14.50
CA PHE B 207 -2.46 12.21 -13.44
C PHE B 207 -3.12 12.08 -12.09
N SER B 208 -4.07 12.98 -11.82
CA SER B 208 -4.64 13.06 -10.48
C SER B 208 -5.30 11.73 -10.17
N ALA B 209 -6.01 11.20 -11.17
CA ALA B 209 -6.79 10.00 -10.87
C ALA B 209 -5.80 8.86 -10.62
N GLY B 210 -4.69 8.90 -11.36
CA GLY B 210 -3.70 7.83 -11.28
C GLY B 210 -3.09 7.77 -9.90
N LEU B 211 -2.94 8.94 -9.26
CA LEU B 211 -2.28 8.97 -7.97
C LEU B 211 -3.12 8.20 -6.98
N MET B 212 -4.44 8.19 -7.21
CA MET B 212 -5.33 7.58 -6.24
C MET B 212 -5.30 6.06 -6.35
N GLU B 213 -4.63 5.54 -7.38
CA GLU B 213 -4.54 4.10 -7.60
C GLU B 213 -3.21 3.52 -7.12
N ASP B 214 -2.38 4.34 -6.51
CA ASP B 214 -1.05 3.89 -6.10
C ASP B 214 -0.99 3.68 -4.59
N PRO B 215 -0.90 2.40 -4.17
CA PRO B 215 -0.92 2.07 -2.74
C PRO B 215 0.34 2.51 -1.98
N ARG B 216 1.39 2.92 -2.69
CA ARG B 216 2.64 3.34 -2.03
C ARG B 216 2.60 4.73 -1.36
N ILE B 217 1.61 5.54 -1.70
CA ILE B 217 1.66 6.95 -1.34
C ILE B 217 0.37 7.47 -0.68
N ASP B 218 0.50 8.55 0.08
CA ASP B 218 -0.63 9.36 0.56
C ASP B 218 -0.67 10.60 -0.30
N VAL B 219 -1.87 11.03 -0.68
CA VAL B 219 -2.06 12.10 -1.66
C VAL B 219 -3.06 13.13 -1.16
N LEU B 220 -2.72 14.40 -1.31
CA LEU B 220 -3.66 15.47 -0.95
C LEU B 220 -3.65 16.56 -2.03
N LEU B 221 -4.78 16.77 -2.68
CA LEU B 221 -4.84 17.86 -3.67
C LEU B 221 -5.42 19.08 -2.97
N LEU B 222 -4.60 20.10 -2.76
CA LEU B 222 -5.00 21.27 -1.99
C LEU B 222 -5.39 22.40 -2.92
N PRO B 223 -6.58 23.00 -2.68
CA PRO B 223 -7.09 24.07 -3.53
C PRO B 223 -6.44 25.41 -3.19
N VAL B 224 -5.14 25.51 -3.41
CA VAL B 224 -4.40 26.74 -3.16
C VAL B 224 -3.63 27.08 -4.43
N PHE B 225 -3.47 28.37 -4.72
CA PHE B 225 -2.76 28.82 -5.92
C PHE B 225 -3.44 28.21 -7.15
N ASP B 226 -2.66 27.56 -8.02
CA ASP B 226 -3.23 26.93 -9.22
C ASP B 226 -3.39 25.42 -8.99
N GLY B 227 -3.56 25.04 -7.72
CA GLY B 227 -3.75 23.65 -7.33
C GLY B 227 -2.42 23.02 -7.01
N VAL B 228 -2.27 22.53 -5.78
CA VAL B 228 -0.99 21.92 -5.39
C VAL B 228 -1.24 20.52 -4.87
N THR B 229 -0.65 19.51 -5.51
CA THR B 229 -0.80 18.15 -5.01
C THR B 229 0.40 17.81 -4.13
N GLN B 230 0.16 17.35 -2.90
CA GLN B 230 1.23 16.91 -2.03
C GLN B 230 1.20 15.38 -2.01
N ILE B 231 2.38 14.79 -2.17
CA ILE B 231 2.54 13.33 -2.17
C ILE B 231 3.60 12.96 -1.14
N ARG B 232 3.30 11.94 -0.34
CA ARG B 232 4.34 11.38 0.55
C ARG B 232 4.26 9.87 0.52
N TRP B 233 5.30 9.21 0.99
CA TRP B 233 5.24 7.77 1.15
C TRP B 233 4.23 7.39 2.23
N LYS B 234 3.44 6.35 1.96
CA LYS B 234 2.54 5.83 2.98
C LYS B 234 3.33 5.17 4.11
N ASP B 235 2.93 5.42 5.35
CA ASP B 235 3.61 4.89 6.53
C ASP B 235 3.65 3.35 6.53
N GLY B 236 4.75 2.79 7.01
CA GLY B 236 5.86 3.56 7.57
C GLY B 236 7.15 3.45 6.78
N LEU C 2 4.18 -25.15 18.85
CA LEU C 2 4.30 -25.95 17.63
C LEU C 2 3.88 -25.13 16.41
N GLY C 3 4.37 -25.50 15.24
CA GLY C 3 4.07 -24.79 14.02
C GLY C 3 3.31 -25.60 12.99
N SER C 4 3.57 -25.31 11.72
CA SER C 4 2.81 -25.87 10.60
C SER C 4 3.63 -26.77 9.70
N ILE C 5 4.85 -27.12 10.13
CA ILE C 5 5.72 -27.95 9.33
C ILE C 5 6.02 -29.27 10.05
N LEU C 6 5.82 -30.40 9.36
CA LEU C 6 6.12 -31.70 9.93
C LEU C 6 7.61 -31.98 9.90
N PRO C 7 8.18 -32.37 11.06
CA PRO C 7 9.61 -32.71 11.11
C PRO C 7 9.87 -34.13 10.59
N PHE C 8 10.76 -34.26 9.62
CA PHE C 8 11.20 -35.56 9.11
C PHE C 8 12.72 -35.64 9.12
N ASN C 9 13.28 -36.84 9.33
CA ASN C 9 14.71 -37.01 9.04
C ASN C 9 14.88 -37.24 7.53
N GLU C 10 16.13 -37.37 7.06
CA GLU C 10 16.39 -37.41 5.61
C GLU C 10 15.69 -38.59 4.90
N GLU C 11 15.86 -39.78 5.48
CA GLU C 11 15.30 -41.00 4.95
C GLU C 11 13.79 -40.86 4.86
N THR C 12 13.19 -40.48 5.96
CA THR C 12 11.75 -40.35 6.02
C THR C 12 11.22 -39.25 5.09
N ALA C 13 11.92 -38.13 5.03
CA ALA C 13 11.52 -37.08 4.10
C ALA C 13 11.50 -37.61 2.67
N ASP C 14 12.51 -38.39 2.30
CA ASP C 14 12.53 -38.98 0.96
C ASP C 14 11.38 -39.96 0.76
N ARG C 15 11.11 -40.75 1.78
CA ARG C 15 10.02 -41.68 1.80
C ARG C 15 8.65 -40.99 1.55
N VAL C 16 8.41 -39.86 2.20
CA VAL C 16 7.16 -39.11 2.08
C VAL C 16 7.09 -38.44 0.70
N SER C 17 8.24 -37.95 0.22
CA SER C 17 8.27 -37.37 -1.12
C SER C 17 7.89 -38.42 -2.16
N ALA C 18 8.48 -39.62 -2.04
CA ALA C 18 8.14 -40.73 -2.92
C ALA C 18 6.63 -41.07 -2.84
N TYR C 19 6.09 -41.09 -1.64
CA TYR C 19 4.64 -41.30 -1.48
C TYR C 19 3.83 -40.26 -2.24
N CYS C 20 4.21 -38.98 -2.14
CA CYS C 20 3.50 -37.94 -2.88
C CYS C 20 3.57 -38.15 -4.38
N GLU C 21 4.75 -38.53 -4.88
CA GLU C 21 4.87 -38.89 -6.29
C GLU C 21 3.88 -40.01 -6.66
N LYS C 22 3.89 -41.08 -5.87
CA LYS C 22 3.05 -42.24 -6.16
C LYS C 22 1.56 -41.89 -6.16
N ASN C 23 1.16 -40.94 -5.33
CA ASN C 23 -0.26 -40.62 -5.20
C ASN C 23 -0.62 -39.27 -5.81
N SER C 24 0.19 -38.84 -6.77
CA SER C 24 -0.12 -37.71 -7.63
C SER C 24 -0.03 -38.14 -9.08
N HIS C 25 -0.80 -37.51 -9.94
N HIS C 25 -0.85 -37.58 -9.93
CA HIS C 25 -0.60 -37.70 -11.35
CA HIS C 25 -0.66 -37.61 -11.35
C HIS C 25 0.82 -37.41 -11.76
C HIS C 25 0.81 -37.41 -11.75
N GLY C 26 1.37 -38.34 -12.52
CA GLY C 26 2.76 -38.24 -12.96
C GLY C 26 2.95 -37.27 -14.11
N ILE C 27 4.20 -36.91 -14.38
CA ILE C 27 4.53 -36.08 -15.53
C ILE C 27 4.64 -36.95 -16.78
N PRO C 28 4.43 -36.36 -17.96
CA PRO C 28 4.54 -37.13 -19.22
C PRO C 28 5.89 -37.82 -19.43
N ASP C 29 5.88 -38.96 -20.11
CA ASP C 29 7.10 -39.74 -20.34
C ASP C 29 8.24 -38.93 -20.98
N ALA C 30 7.90 -38.07 -21.92
CA ALA C 30 8.88 -37.20 -22.57
C ALA C 30 9.54 -36.22 -21.57
N LEU C 31 8.75 -35.75 -20.61
CA LEU C 31 9.29 -34.85 -19.60
C LEU C 31 10.20 -35.62 -18.63
N VAL C 32 9.79 -36.81 -18.22
CA VAL C 32 10.68 -37.68 -17.45
C VAL C 32 12.02 -37.88 -18.18
N GLU C 33 11.91 -38.16 -19.48
CA GLU C 33 13.09 -38.38 -20.32
C GLU C 33 14.01 -37.16 -20.32
N HIS C 34 13.43 -35.98 -20.51
CA HIS C 34 14.22 -34.75 -20.48
C HIS C 34 14.88 -34.54 -19.12
N TRP C 35 14.15 -34.87 -18.06
CA TRP C 35 14.65 -34.74 -16.71
C TRP C 35 15.91 -35.61 -16.52
N GLU C 36 15.79 -36.89 -16.76
CA GLU C 36 16.90 -37.80 -16.62
C GLU C 36 18.06 -37.43 -17.53
N TRP C 37 17.75 -37.06 -18.73
CA TRP C 37 18.75 -36.58 -19.69
C TRP C 37 19.58 -35.45 -19.08
N THR C 38 18.87 -34.45 -18.56
CA THR C 38 19.51 -33.32 -17.89
C THR C 38 20.42 -33.80 -16.77
N ARG C 39 19.92 -34.71 -15.95
CA ARG C 39 20.71 -35.18 -14.82
C ARG C 39 22.01 -35.88 -15.25
N THR C 40 21.93 -36.65 -16.31
CA THR C 40 23.13 -37.31 -16.81
C THR C 40 24.12 -36.31 -17.41
N ARG C 41 23.61 -35.27 -18.07
CA ARG C 41 24.44 -34.32 -18.81
C ARG C 41 25.16 -33.28 -17.97
N PHE C 42 24.50 -32.76 -16.96
CA PHE C 42 25.04 -31.57 -16.28
C PHE C 42 25.40 -31.75 -14.80
N PRO C 43 26.63 -31.34 -14.44
CA PRO C 43 27.16 -31.40 -13.07
C PRO C 43 26.37 -30.58 -12.06
N ASP C 44 25.71 -29.53 -12.52
CA ASP C 44 24.91 -28.69 -11.62
C ASP C 44 23.42 -28.99 -11.75
N ALA C 45 23.10 -30.26 -12.02
CA ALA C 45 21.73 -30.66 -12.32
C ALA C 45 20.78 -30.52 -11.12
N ASP C 46 21.34 -30.39 -9.95
CA ASP C 46 20.62 -30.08 -8.73
C ASP C 46 19.82 -28.81 -8.84
N LYS C 47 20.19 -27.95 -9.75
CA LYS C 47 19.46 -26.71 -10.02
C LYS C 47 18.06 -26.99 -10.59
N MET C 48 17.89 -28.15 -11.21
CA MET C 48 16.60 -28.48 -11.84
C MET C 48 15.52 -28.90 -10.81
N SER C 49 14.27 -28.53 -11.11
CA SER C 49 13.14 -28.88 -10.24
C SER C 49 12.90 -30.39 -10.26
N SER C 50 12.28 -30.90 -9.20
CA SER C 50 12.02 -32.34 -9.04
C SER C 50 10.86 -32.80 -9.91
N ARG C 51 10.62 -34.12 -9.94
CA ARG C 51 9.51 -34.69 -10.71
C ARG C 51 8.16 -34.27 -10.12
N LEU C 52 8.09 -34.32 -8.80
CA LEU C 52 6.89 -33.88 -8.08
C LEU C 52 6.61 -32.42 -8.36
N GLN C 53 7.66 -31.61 -8.38
CA GLN C 53 7.49 -30.20 -8.70
C GLN C 53 6.98 -30.03 -10.12
N GLY C 54 7.36 -30.95 -11.00
CA GLY C 54 6.84 -30.92 -12.36
C GLY C 54 5.35 -31.17 -12.36
N SER C 55 4.92 -32.17 -11.59
CA SER C 55 3.50 -32.45 -11.43
C SER C 55 2.74 -31.23 -10.93
N TRP C 56 3.31 -30.56 -9.94
CA TRP C 56 2.74 -29.33 -9.40
C TRP C 56 2.61 -28.23 -10.45
N MET C 57 3.65 -28.06 -11.26
CA MET C 57 3.61 -27.01 -12.27
C MET C 57 2.51 -27.29 -13.30
N ILE C 58 2.44 -28.54 -13.76
CA ILE C 58 1.42 -28.88 -14.74
C ILE C 58 -0.01 -28.74 -14.16
N PHE C 59 -0.22 -29.27 -12.94
CA PHE C 59 -1.51 -29.08 -12.26
C PHE C 59 -1.87 -27.59 -12.17
N THR C 60 -0.92 -26.78 -11.71
CA THR C 60 -1.15 -25.36 -11.50
C THR C 60 -1.53 -24.65 -12.78
N ALA C 61 -0.85 -24.97 -13.87
CA ALA C 61 -1.16 -24.35 -15.15
C ALA C 61 -2.51 -24.78 -15.70
N ARG C 62 -2.85 -26.06 -15.54
CA ARG C 62 -4.16 -26.51 -15.97
C ARG C 62 -5.28 -25.88 -15.16
N ASP C 63 -5.01 -25.69 -13.87
CA ASP C 63 -5.99 -25.14 -12.96
C ASP C 63 -6.19 -23.64 -13.23
N ARG C 64 -5.11 -22.88 -13.22
CA ARG C 64 -5.19 -21.42 -13.33
C ARG C 64 -5.47 -20.90 -14.75
N LYS C 65 -5.13 -21.71 -15.75
CA LYS C 65 -5.26 -21.34 -17.16
C LYS C 65 -4.69 -19.96 -17.50
N PRO C 66 -3.40 -19.73 -17.24
CA PRO C 66 -2.79 -18.43 -17.56
C PRO C 66 -2.77 -18.15 -19.05
N LYS C 67 -3.05 -16.91 -19.45
CA LYS C 67 -2.95 -16.53 -20.86
C LYS C 67 -1.48 -16.45 -21.26
N ARG C 68 -0.65 -16.02 -20.32
CA ARG C 68 0.79 -15.89 -20.55
C ARG C 68 1.59 -16.22 -19.29
N ILE C 69 2.69 -16.92 -19.55
CA ILE C 69 3.60 -17.36 -18.51
C ILE C 69 4.99 -16.80 -18.75
N LEU C 70 5.55 -16.21 -17.70
CA LEU C 70 6.94 -15.76 -17.72
C LEU C 70 7.71 -16.60 -16.72
N GLU C 71 8.89 -17.05 -17.12
CA GLU C 71 9.77 -17.79 -16.22
C GLU C 71 11.18 -17.18 -16.28
N ILE C 72 11.76 -16.91 -15.11
CA ILE C 72 13.11 -16.37 -15.00
C ILE C 72 14.05 -17.49 -14.53
N GLY C 73 14.91 -17.93 -15.45
CA GLY C 73 15.80 -19.06 -15.19
C GLY C 73 15.33 -20.33 -15.88
N CYS C 74 15.81 -20.56 -17.11
CA CYS C 74 15.35 -21.69 -17.91
C CYS C 74 16.12 -23.00 -17.62
N TYR C 75 17.39 -22.82 -17.29
CA TYR C 75 18.34 -23.93 -17.14
C TYR C 75 18.28 -24.89 -18.35
N SER C 76 17.76 -26.10 -18.18
CA SER C 76 17.70 -27.03 -19.32
C SER C 76 16.32 -27.06 -19.96
N GLY C 77 15.40 -26.26 -19.42
CA GLY C 77 14.08 -26.13 -19.99
C GLY C 77 13.01 -27.01 -19.38
N TYR C 78 13.32 -27.67 -18.27
CA TYR C 78 12.38 -28.60 -17.63
C TYR C 78 11.08 -27.89 -17.21
N SER C 79 11.20 -26.78 -16.49
CA SER C 79 10.00 -26.09 -16.03
C SER C 79 9.25 -25.47 -17.20
N ALA C 80 9.96 -24.98 -18.21
CA ALA C 80 9.29 -24.43 -19.38
C ALA C 80 8.47 -25.51 -20.09
N LEU C 81 9.01 -26.71 -20.14
CA LEU C 81 8.31 -27.83 -20.77
C LEU C 81 7.10 -28.24 -19.92
N ALA C 82 7.24 -28.15 -18.61
CA ALA C 82 6.11 -28.39 -17.73
C ALA C 82 4.98 -27.37 -17.98
N TRP C 83 5.32 -26.08 -18.04
CA TRP C 83 4.31 -25.04 -18.36
C TRP C 83 3.66 -25.31 -19.71
N TYR C 84 4.49 -25.76 -20.66
CA TYR C 84 4.01 -26.12 -21.99
C TYR C 84 2.97 -27.21 -21.93
N GLU C 85 3.27 -28.26 -21.17
CA GLU C 85 2.36 -29.39 -21.01
C GLU C 85 1.07 -28.96 -20.35
N GLY C 86 1.19 -28.09 -19.36
CA GLY C 86 0.02 -27.65 -18.62
C GLY C 86 -0.82 -26.63 -19.36
N THR C 87 -0.30 -26.09 -20.46
CA THR C 87 -1.07 -25.10 -21.22
C THR C 87 -1.43 -25.50 -22.66
N ARG C 88 -1.50 -26.80 -22.94
CA ARG C 88 -1.77 -27.28 -24.29
C ARG C 88 -3.12 -26.84 -24.87
N ASP C 89 -4.14 -26.77 -24.03
CA ASP C 89 -5.50 -26.47 -24.47
C ASP C 89 -5.73 -25.00 -24.79
N THR C 90 -4.90 -24.12 -24.27
CA THR C 90 -5.04 -22.70 -24.53
C THR C 90 -3.95 -22.19 -25.46
N LYS C 91 -2.90 -22.98 -25.62
CA LYS C 91 -1.70 -22.58 -26.35
C LYS C 91 -1.21 -21.22 -25.85
N ALA C 92 -1.14 -21.09 -24.53
CA ALA C 92 -0.63 -19.88 -23.89
C ALA C 92 0.82 -19.60 -24.30
N GLU C 93 1.19 -18.33 -24.36
CA GLU C 93 2.56 -17.97 -24.66
C GLU C 93 3.44 -18.17 -23.43
N ILE C 94 4.62 -18.73 -23.64
CA ILE C 94 5.56 -18.95 -22.55
C ILE C 94 6.89 -18.28 -22.83
N VAL C 95 7.26 -17.31 -22.00
CA VAL C 95 8.52 -16.61 -22.17
C VAL C 95 9.47 -17.06 -21.08
N THR C 96 10.69 -17.44 -21.44
CA THR C 96 11.65 -17.95 -20.47
C THR C 96 13.01 -17.29 -20.65
N LEU C 97 13.60 -16.82 -19.55
CA LEU C 97 14.80 -16.00 -19.59
C LEU C 97 16.00 -16.81 -19.16
N GLU C 98 17.12 -16.64 -19.85
CA GLU C 98 18.33 -17.39 -19.47
C GLU C 98 19.63 -16.66 -19.85
N TYR C 99 20.61 -16.72 -18.99
CA TYR C 99 21.85 -15.99 -19.13
C TYR C 99 23.01 -16.83 -19.62
N SER C 100 23.04 -18.08 -19.23
CA SER C 100 24.11 -19.00 -19.57
C SER C 100 24.07 -19.47 -21.03
N PRO C 101 25.13 -19.18 -21.80
CA PRO C 101 25.20 -19.65 -23.19
C PRO C 101 25.04 -21.18 -23.30
N LYS C 102 25.73 -21.93 -22.45
CA LYS C 102 25.60 -23.38 -22.45
C LYS C 102 24.15 -23.85 -22.22
N MET C 103 23.49 -23.30 -21.20
CA MET C 103 22.13 -23.69 -20.93
C MET C 103 21.18 -23.13 -21.99
N ILE C 104 21.51 -21.97 -22.56
CA ILE C 104 20.73 -21.47 -23.70
C ILE C 104 20.74 -22.50 -24.83
N ALA C 105 21.94 -22.93 -25.23
CA ALA C 105 22.07 -23.96 -26.26
C ALA C 105 21.30 -25.24 -25.93
N ALA C 106 21.48 -25.73 -24.69
CA ALA C 106 20.81 -26.96 -24.26
C ALA C 106 19.28 -26.83 -24.31
N SER C 107 18.78 -25.70 -23.83
CA SER C 107 17.34 -25.40 -23.85
C SER C 107 16.81 -25.33 -25.28
N ARG C 108 17.53 -24.68 -26.20
CA ARG C 108 17.10 -24.66 -27.60
C ARG C 108 17.06 -26.06 -28.19
N GLU C 109 18.07 -26.87 -27.84
CA GLU C 109 18.11 -28.27 -28.25
C GLU C 109 16.86 -29.05 -27.78
N ALA C 110 16.56 -28.90 -26.49
CA ALA C 110 15.41 -29.54 -25.87
C ALA C 110 14.10 -29.10 -26.51
N PHE C 111 13.95 -27.79 -26.68
CA PHE C 111 12.72 -27.22 -27.23
C PHE C 111 12.50 -27.68 -28.66
N LYS C 112 13.57 -27.82 -29.40
CA LYS C 112 13.46 -28.35 -30.76
C LYS C 112 13.06 -29.81 -30.71
N LYS C 113 13.73 -30.59 -29.91
CA LYS C 113 13.44 -32.02 -29.88
C LYS C 113 12.00 -32.32 -29.45
N TYR C 114 11.54 -31.57 -28.45
CA TYR C 114 10.25 -31.75 -27.82
C TYR C 114 9.13 -31.22 -28.73
N GLY C 115 9.50 -30.39 -29.70
CA GLY C 115 8.55 -29.86 -30.65
C GLY C 115 7.62 -28.81 -30.05
N VAL C 116 8.15 -27.98 -29.16
CA VAL C 116 7.34 -26.96 -28.50
C VAL C 116 6.87 -25.89 -29.47
N GLY C 117 7.52 -25.81 -30.63
CA GLY C 117 7.15 -24.82 -31.62
C GLY C 117 7.46 -23.42 -31.16
N ASP C 118 6.59 -22.48 -31.50
CA ASP C 118 6.90 -21.07 -31.27
C ASP C 118 5.97 -20.37 -30.29
N ARG C 119 5.35 -21.11 -29.37
CA ARG C 119 4.66 -20.43 -28.27
C ARG C 119 5.57 -20.43 -27.04
N VAL C 120 6.75 -21.05 -27.19
CA VAL C 120 7.81 -20.94 -26.20
C VAL C 120 8.96 -20.08 -26.73
N LYS C 121 9.11 -18.89 -26.17
CA LYS C 121 10.15 -17.94 -26.54
C LYS C 121 11.25 -17.92 -25.49
N LEU C 122 12.46 -18.27 -25.90
CA LEU C 122 13.63 -18.18 -25.04
C LEU C 122 14.37 -16.87 -25.28
N ILE C 123 14.50 -16.05 -24.24
CA ILE C 123 15.16 -14.77 -24.37
C ILE C 123 16.50 -14.80 -23.64
N GLU C 124 17.54 -14.49 -24.42
CA GLU C 124 18.93 -14.65 -24.01
C GLU C 124 19.47 -13.38 -23.37
N GLY C 125 20.19 -13.54 -22.27
CA GLY C 125 20.88 -12.44 -21.63
C GLY C 125 20.60 -12.41 -20.14
N PRO C 126 21.27 -11.50 -19.43
CA PRO C 126 20.99 -11.34 -17.99
C PRO C 126 19.58 -10.80 -17.81
N ALA C 127 18.82 -11.38 -16.88
CA ALA C 127 17.45 -10.96 -16.68
C ALA C 127 17.37 -9.56 -16.13
N GLU C 128 18.43 -9.12 -15.46
CA GLU C 128 18.50 -7.73 -14.97
C GLU C 128 18.36 -6.75 -16.14
N ASN C 129 18.72 -7.23 -17.34
CA ASN C 129 18.55 -6.42 -18.54
C ASN C 129 17.27 -6.76 -19.28
N THR C 130 17.06 -8.05 -19.54
CA THR C 130 15.99 -8.48 -20.45
C THR C 130 14.60 -8.36 -19.83
N LEU C 131 14.50 -8.55 -18.51
CA LEU C 131 13.19 -8.48 -17.87
C LEU C 131 12.56 -7.11 -18.12
N LYS C 132 13.39 -6.07 -18.12
CA LYS C 132 12.96 -4.69 -18.41
C LYS C 132 12.30 -4.52 -19.77
N THR C 133 12.80 -5.27 -20.76
CA THR C 133 12.42 -5.06 -22.15
C THR C 133 11.10 -5.76 -22.51
N LEU C 134 10.58 -6.57 -21.59
CA LEU C 134 9.39 -7.37 -21.87
C LEU C 134 8.14 -6.50 -22.02
N GLU C 135 7.25 -6.92 -22.91
CA GLU C 135 6.02 -6.18 -23.17
C GLU C 135 4.79 -6.96 -22.71
N GLY C 136 3.67 -6.26 -22.55
CA GLY C 136 2.44 -6.89 -22.12
C GLY C 136 2.52 -7.31 -20.67
N GLU C 137 1.66 -8.24 -20.28
CA GLU C 137 1.59 -8.69 -18.90
C GLU C 137 1.52 -10.21 -18.85
N PHE C 138 1.76 -10.76 -17.66
CA PHE C 138 1.77 -12.21 -17.50
C PHE C 138 0.87 -12.64 -16.35
N ASP C 139 0.05 -13.66 -16.59
CA ASP C 139 -0.84 -14.19 -15.56
C ASP C 139 -0.10 -15.09 -14.58
N LEU C 140 1.00 -15.67 -15.00
CA LEU C 140 1.77 -16.47 -14.10
C LEU C 140 3.28 -16.24 -14.28
N ILE C 141 3.97 -15.94 -13.20
CA ILE C 141 5.41 -15.67 -13.29
C ILE C 141 6.18 -16.55 -12.33
N PHE C 142 7.16 -17.28 -12.85
CA PHE C 142 7.94 -18.25 -12.07
C PHE C 142 9.35 -17.72 -11.93
N VAL C 143 9.73 -17.30 -10.73
CA VAL C 143 11.07 -16.76 -10.49
C VAL C 143 11.98 -17.87 -9.95
N ASP C 144 12.98 -18.26 -10.72
CA ASP C 144 13.82 -19.38 -10.35
C ASP C 144 15.23 -19.25 -10.94
N ALA C 145 15.82 -18.06 -10.81
CA ALA C 145 17.15 -17.80 -11.35
C ALA C 145 18.16 -17.58 -10.23
N ASN C 146 19.07 -16.63 -10.40
CA ASN C 146 20.07 -16.35 -9.36
C ASN C 146 19.36 -15.79 -8.12
N LYS C 147 19.66 -16.36 -6.95
CA LYS C 147 18.90 -16.02 -5.74
C LYS C 147 19.07 -14.55 -5.35
N ASP C 148 20.30 -14.04 -5.44
CA ASP C 148 20.58 -12.66 -5.10
C ASP C 148 19.92 -11.68 -6.06
N GLY C 149 19.21 -12.20 -7.05
CA GLY C 149 18.49 -11.34 -7.97
C GLY C 149 16.99 -11.23 -7.69
N TYR C 150 16.46 -12.12 -6.84
CA TYR C 150 14.99 -12.20 -6.69
C TYR C 150 14.33 -10.84 -6.38
N ALA C 151 14.90 -10.13 -5.41
CA ALA C 151 14.37 -8.86 -4.94
C ALA C 151 14.25 -7.89 -6.12
N GLY C 152 15.28 -7.87 -6.96
CA GLY C 152 15.30 -6.97 -8.09
C GLY C 152 14.24 -7.41 -9.09
N TYR C 153 14.15 -8.72 -9.34
CA TYR C 153 13.21 -9.19 -10.35
C TYR C 153 11.79 -8.83 -9.93
N VAL C 154 11.42 -9.20 -8.70
CA VAL C 154 10.06 -8.88 -8.25
C VAL C 154 9.85 -7.36 -8.36
N LYS C 155 10.86 -6.57 -8.02
CA LYS C 155 10.63 -5.12 -7.95
C LYS C 155 10.28 -4.67 -9.36
N THR C 156 11.05 -5.18 -10.30
CA THR C 156 10.85 -4.76 -11.67
C THR C 156 9.48 -5.19 -12.13
N ILE C 157 9.14 -6.43 -11.80
CA ILE C 157 7.86 -6.99 -12.22
C ILE C 157 6.75 -6.08 -11.76
N LEU C 158 6.89 -5.57 -10.53
CA LEU C 158 5.79 -4.83 -9.98
C LEU C 158 5.87 -3.40 -10.52
N ASP C 159 7.08 -2.89 -10.69
CA ASP C 159 7.21 -1.47 -11.00
C ASP C 159 6.69 -1.19 -12.41
N GLN C 160 6.91 -2.18 -13.29
CA GLN C 160 6.55 -2.07 -14.70
C GLN C 160 5.21 -2.72 -15.04
N GLY C 161 4.50 -3.27 -14.05
CA GLY C 161 3.22 -3.89 -14.30
C GLY C 161 3.27 -5.12 -15.19
N LEU C 162 4.32 -5.93 -15.04
CA LEU C 162 4.45 -7.17 -15.80
C LEU C 162 3.52 -8.26 -15.27
N LEU C 163 3.03 -8.08 -14.04
CA LEU C 163 2.06 -9.01 -13.45
C LEU C 163 0.64 -8.51 -13.70
N SER C 164 -0.18 -9.33 -14.35
CA SER C 164 -1.57 -8.95 -14.60
C SER C 164 -2.33 -8.80 -13.30
N ALA C 165 -3.46 -8.10 -13.35
CA ALA C 165 -4.32 -7.85 -12.19
C ALA C 165 -4.62 -9.10 -11.38
N ASN C 166 -4.93 -10.20 -12.06
CA ASN C 166 -5.31 -11.42 -11.36
C ASN C 166 -4.22 -12.48 -11.42
N GLY C 167 -2.99 -12.04 -11.67
CA GLY C 167 -1.91 -12.99 -11.84
C GLY C 167 -1.25 -13.35 -10.54
N ILE C 168 -0.29 -14.26 -10.60
CA ILE C 168 0.44 -14.67 -9.42
C ILE C 168 1.92 -14.79 -9.78
N ILE C 169 2.77 -14.41 -8.82
CA ILE C 169 4.21 -14.71 -8.90
C ILE C 169 4.53 -15.88 -7.96
N LEU C 170 5.30 -16.83 -8.44
CA LEU C 170 5.77 -17.96 -7.66
C LEU C 170 7.28 -17.92 -7.64
N CYS C 171 7.87 -17.76 -6.47
CA CYS C 171 9.32 -17.69 -6.32
C CYS C 171 9.80 -19.00 -5.71
N ASP C 172 10.72 -19.65 -6.39
CA ASP C 172 11.15 -20.99 -6.03
C ASP C 172 12.40 -20.98 -5.16
N ASN C 173 12.60 -22.04 -4.38
CA ASN C 173 13.82 -22.25 -3.60
C ASN C 173 14.14 -21.14 -2.60
N VAL C 174 13.11 -20.56 -1.99
CA VAL C 174 13.33 -19.39 -1.16
C VAL C 174 13.97 -19.75 0.19
N PHE C 175 13.91 -21.03 0.58
CA PHE C 175 14.47 -21.49 1.85
C PHE C 175 16.00 -21.70 1.83
N ALA C 176 16.60 -21.80 0.65
CA ALA C 176 18.01 -22.17 0.52
C ALA C 176 18.35 -23.39 1.38
N ARG C 177 17.55 -24.45 1.24
CA ARG C 177 17.72 -25.71 1.95
C ARG C 177 17.52 -25.57 3.45
N GLY C 178 17.01 -24.40 3.87
CA GLY C 178 16.84 -24.10 5.28
C GLY C 178 17.67 -22.91 5.74
N LEU C 179 18.76 -22.61 5.05
CA LEU C 179 19.72 -21.63 5.55
C LEU C 179 19.26 -20.18 5.43
N THR C 180 18.15 -19.97 4.76
CA THR C 180 17.50 -18.65 4.75
C THR C 180 17.03 -18.31 6.17
N ILE C 181 16.61 -19.34 6.88
CA ILE C 181 16.07 -19.15 8.21
C ILE C 181 17.19 -18.98 9.24
N GLY C 182 18.24 -19.79 9.12
CA GLY C 182 19.38 -19.66 10.02
C GLY C 182 20.47 -20.67 9.66
N PRO C 183 21.72 -20.38 10.06
CA PRO C 183 22.88 -21.18 9.65
C PRO C 183 22.85 -22.62 10.18
N ASP C 184 22.04 -22.87 11.20
CA ASP C 184 22.00 -24.19 11.81
C ASP C 184 20.79 -25.01 11.37
N CYS C 185 20.07 -24.54 10.35
CA CYS C 185 18.82 -25.18 9.96
C CYS C 185 18.96 -26.28 8.90
N ALA C 186 20.19 -26.56 8.49
CA ALA C 186 20.43 -27.64 7.52
C ALA C 186 21.72 -28.39 7.82
N PRO C 187 21.76 -29.08 8.97
CA PRO C 187 23.00 -29.76 9.38
C PRO C 187 23.39 -30.89 8.44
N TRP C 188 22.44 -31.36 7.62
CA TRP C 188 22.70 -32.49 6.74
C TRP C 188 23.48 -32.14 5.45
N LEU C 189 23.49 -30.86 5.05
CA LEU C 189 24.26 -30.41 3.90
C LEU C 189 25.74 -30.79 3.99
N ASN C 190 26.35 -31.25 2.89
CA ASN C 190 27.79 -31.50 2.99
C ASN C 190 28.56 -30.19 2.90
N ASP C 191 29.77 -30.22 3.44
CA ASP C 191 30.57 -29.02 3.66
C ASP C 191 30.89 -28.30 2.36
N HIS C 192 30.95 -29.04 1.27
CA HIS C 192 31.38 -28.46 0.00
C HIS C 192 30.33 -27.53 -0.61
N VAL C 193 29.05 -27.71 -0.26
CA VAL C 193 28.03 -26.81 -0.79
C VAL C 193 27.52 -25.81 0.23
N ARG C 194 27.97 -25.93 1.47
CA ARG C 194 27.45 -25.07 2.54
C ARG C 194 27.70 -23.55 2.31
N PRO C 195 28.93 -23.14 1.88
CA PRO C 195 29.12 -21.70 1.65
C PRO C 195 28.14 -21.12 0.65
N TYR C 196 27.85 -21.88 -0.40
CA TYR C 196 26.93 -21.45 -1.44
C TYR C 196 25.54 -21.21 -0.90
N TRP C 197 25.03 -22.21 -0.19
CA TRP C 197 23.67 -22.12 0.30
C TRP C 197 23.53 -21.08 1.40
N ASN C 198 24.60 -20.87 2.17
CA ASN C 198 24.62 -19.81 3.15
C ASN C 198 24.53 -18.41 2.49
N GLY C 199 25.32 -18.21 1.44
CA GLY C 199 25.20 -16.96 0.67
C GLY C 199 23.79 -16.74 0.15
N CYS C 200 23.25 -17.81 -0.47
CA CYS C 200 21.88 -17.75 -1.00
C CYS C 200 20.90 -17.38 0.10
N GLY C 201 21.02 -18.04 1.25
CA GLY C 201 20.14 -17.79 2.38
C GLY C 201 20.17 -16.35 2.85
N GLN C 202 21.36 -15.76 2.94
CA GLN C 202 21.42 -14.36 3.34
C GLN C 202 20.66 -13.45 2.35
N ALA C 203 20.91 -13.70 1.06
CA ALA C 203 20.19 -12.93 0.03
C ALA C 203 18.65 -13.11 0.10
N LEU C 204 18.22 -14.35 0.32
CA LEU C 204 16.80 -14.67 0.27
C LEU C 204 16.06 -14.22 1.52
N ASP C 205 16.79 -14.14 2.63
CA ASP C 205 16.26 -13.58 3.86
C ASP C 205 16.01 -12.09 3.65
N LYS C 206 17.01 -11.40 3.08
CA LYS C 206 16.80 -9.99 2.72
C LYS C 206 15.58 -9.82 1.79
N PHE C 207 15.49 -10.68 0.79
CA PHE C 207 14.36 -10.66 -0.16
C PHE C 207 12.99 -10.81 0.52
N SER C 208 12.89 -11.84 1.34
CA SER C 208 11.65 -12.14 2.06
C SER C 208 11.26 -10.97 2.95
N ALA C 209 12.23 -10.41 3.69
CA ALA C 209 11.93 -9.24 4.50
C ALA C 209 11.43 -8.06 3.66
N GLY C 210 12.05 -7.87 2.49
CA GLY C 210 11.71 -6.76 1.62
C GLY C 210 10.28 -6.82 1.13
N LEU C 211 9.85 -8.03 0.74
CA LEU C 211 8.47 -8.19 0.28
C LEU C 211 7.42 -7.70 1.28
N MET C 212 7.71 -7.81 2.58
CA MET C 212 6.73 -7.42 3.62
C MET C 212 6.61 -5.90 3.73
N GLU C 213 7.53 -5.19 3.09
CA GLU C 213 7.51 -3.72 3.15
C GLU C 213 6.82 -3.09 1.95
N ASP C 214 6.47 -3.91 0.97
CA ASP C 214 5.85 -3.43 -0.26
C ASP C 214 4.33 -3.39 -0.11
N PRO C 215 3.74 -2.19 -0.09
CA PRO C 215 2.30 -2.16 0.23
C PRO C 215 1.40 -2.50 -0.95
N ARG C 216 1.99 -2.81 -2.10
CA ARG C 216 1.22 -3.12 -3.30
C ARG C 216 0.78 -4.56 -3.36
N ILE C 217 1.35 -5.39 -2.50
CA ILE C 217 1.20 -6.83 -2.68
C ILE C 217 0.76 -7.60 -1.43
N ASP C 218 0.20 -8.79 -1.68
CA ASP C 218 -0.04 -9.81 -0.67
C ASP C 218 1.00 -10.90 -0.87
N VAL C 219 1.56 -11.36 0.24
CA VAL C 219 2.69 -12.32 0.21
C VAL C 219 2.38 -13.52 1.07
N LEU C 220 2.65 -14.71 0.54
CA LEU C 220 2.53 -15.93 1.33
C LEU C 220 3.75 -16.80 1.09
N LEU C 221 4.54 -17.02 2.13
CA LEU C 221 5.71 -17.91 2.02
C LEU C 221 5.28 -19.29 2.48
N LEU C 222 5.15 -20.19 1.52
CA LEU C 222 4.62 -21.53 1.74
C LEU C 222 5.74 -22.50 2.02
N PRO C 223 5.63 -23.25 3.13
CA PRO C 223 6.65 -24.25 3.47
C PRO C 223 6.48 -25.56 2.68
N VAL C 224 6.59 -25.45 1.36
CA VAL C 224 6.53 -26.61 0.47
C VAL C 224 7.82 -26.62 -0.36
N PHE C 225 8.31 -27.82 -0.69
CA PHE C 225 9.56 -27.98 -1.44
C PHE C 225 10.70 -27.24 -0.76
N ASP C 226 11.39 -26.37 -1.50
CA ASP C 226 12.51 -25.63 -0.93
C ASP C 226 12.02 -24.21 -0.61
N GLY C 227 10.75 -24.12 -0.25
CA GLY C 227 10.12 -22.83 0.08
C GLY C 227 9.63 -22.14 -1.17
N VAL C 228 8.34 -21.80 -1.20
CA VAL C 228 7.80 -21.11 -2.37
C VAL C 228 7.04 -19.85 -1.94
N THR C 229 7.46 -18.70 -2.43
CA THR C 229 6.72 -17.47 -2.14
C THR C 229 5.70 -17.19 -3.21
N GLN C 230 4.44 -17.09 -2.82
CA GLN C 230 3.37 -16.63 -3.70
C GLN C 230 3.17 -15.14 -3.49
N ILE C 231 3.04 -14.40 -4.59
CA ILE C 231 2.83 -12.94 -4.52
C ILE C 231 1.67 -12.56 -5.42
N ARG C 232 0.76 -11.73 -4.91
CA ARG C 232 -0.30 -11.22 -5.77
C ARG C 232 -0.51 -9.72 -5.51
N TRP C 233 -1.21 -9.04 -6.41
CA TRP C 233 -1.55 -7.65 -6.14
C TRP C 233 -2.55 -7.60 -4.98
N LYS C 234 -2.35 -6.65 -4.07
CA LYS C 234 -3.30 -6.41 -2.99
C LYS C 234 -4.58 -5.80 -3.56
N ASP C 235 -5.74 -6.26 -3.09
CA ASP C 235 -7.00 -5.78 -3.66
C ASP C 235 -7.25 -4.28 -3.44
N GLY C 236 -7.12 -3.75 -2.22
CA GLY C 236 -6.85 -4.46 -0.99
C GLY C 236 -7.69 -3.95 0.16
N LEU D 2 16.83 -38.83 -4.31
CA LEU D 2 16.52 -37.71 -3.43
C LEU D 2 15.15 -37.14 -3.74
N GLY D 3 14.51 -36.54 -2.75
CA GLY D 3 13.13 -36.12 -2.89
C GLY D 3 12.91 -34.62 -2.84
N SER D 4 11.66 -34.24 -2.68
CA SER D 4 11.27 -32.84 -2.74
C SER D 4 11.03 -32.20 -1.38
N ILE D 5 11.23 -32.95 -0.30
CA ILE D 5 10.95 -32.46 1.04
C ILE D 5 12.22 -32.20 1.84
N LEU D 6 12.33 -31.02 2.44
CA LEU D 6 13.48 -30.73 3.30
C LEU D 6 13.30 -31.39 4.67
N PRO D 7 14.36 -32.04 5.18
CA PRO D 7 14.31 -32.63 6.52
C PRO D 7 14.65 -31.60 7.61
N PHE D 8 13.82 -31.53 8.63
CA PHE D 8 14.03 -30.64 9.77
C PHE D 8 13.81 -31.45 11.06
N ASN D 9 14.52 -31.16 12.14
CA ASN D 9 14.13 -31.76 13.42
C ASN D 9 13.00 -30.90 14.02
N GLU D 10 12.46 -31.30 15.18
CA GLU D 10 11.27 -30.61 15.71
C GLU D 10 11.46 -29.10 15.90
N GLU D 11 12.55 -28.74 16.56
CA GLU D 11 12.83 -27.35 16.89
C GLU D 11 12.97 -26.50 15.63
N THR D 12 13.73 -27.04 14.69
CA THR D 12 14.02 -26.32 13.46
C THR D 12 12.76 -26.19 12.61
N ALA D 13 11.93 -27.23 12.56
CA ALA D 13 10.66 -27.13 11.85
C ALA D 13 9.78 -26.03 12.47
N ASP D 14 9.74 -25.95 13.81
CA ASP D 14 8.98 -24.85 14.43
C ASP D 14 9.56 -23.47 14.08
N ARG D 15 10.88 -23.39 14.01
CA ARG D 15 11.60 -22.16 13.66
C ARG D 15 11.29 -21.73 12.20
N VAL D 16 11.27 -22.69 11.30
CA VAL D 16 10.98 -22.39 9.91
C VAL D 16 9.51 -21.97 9.79
N SER D 17 8.64 -22.61 10.56
N SER D 17 8.63 -22.63 10.55
CA SER D 17 7.23 -22.26 10.55
CA SER D 17 7.21 -22.27 10.55
C SER D 17 7.02 -20.81 11.00
C SER D 17 7.03 -20.80 10.98
N ALA D 18 7.71 -20.44 12.08
CA ALA D 18 7.66 -19.07 12.58
C ALA D 18 8.22 -18.07 11.55
N TYR D 19 9.24 -18.48 10.82
CA TYR D 19 9.79 -17.63 9.77
C TYR D 19 8.76 -17.37 8.67
N CYS D 20 8.09 -18.44 8.24
CA CYS D 20 7.02 -18.28 7.26
C CYS D 20 5.91 -17.35 7.73
N GLU D 21 5.50 -17.47 8.98
CA GLU D 21 4.51 -16.56 9.53
C GLU D 21 4.98 -15.15 9.51
N LYS D 22 6.21 -14.94 9.92
CA LYS D 22 6.78 -13.60 10.00
C LYS D 22 6.85 -12.93 8.63
N ASN D 23 7.13 -13.75 7.61
CA ASN D 23 7.35 -13.23 6.27
C ASN D 23 6.19 -13.51 5.32
N SER D 24 5.01 -13.65 5.91
CA SER D 24 3.77 -13.75 5.16
C SER D 24 2.80 -12.76 5.78
N HIS D 25 1.86 -12.26 4.98
CA HIS D 25 0.86 -11.38 5.59
C HIS D 25 -0.01 -12.18 6.56
N GLY D 26 -0.23 -11.59 7.74
CA GLY D 26 -0.97 -12.25 8.80
C GLY D 26 -2.46 -12.20 8.62
N ILE D 27 -3.18 -12.98 9.42
CA ILE D 27 -4.62 -12.94 9.42
C ILE D 27 -5.07 -11.69 10.20
N PRO D 28 -6.28 -11.19 9.93
CA PRO D 28 -6.83 -10.01 10.62
C PRO D 28 -6.89 -10.16 12.13
N ASP D 29 -6.82 -9.04 12.85
CA ASP D 29 -6.76 -9.05 14.31
C ASP D 29 -7.94 -9.78 14.94
N ALA D 30 -9.11 -9.66 14.33
CA ALA D 30 -10.33 -10.30 14.81
C ALA D 30 -10.19 -11.81 14.76
N LEU D 31 -9.51 -12.28 13.72
CA LEU D 31 -9.36 -13.71 13.51
C LEU D 31 -8.30 -14.28 14.44
N VAL D 32 -7.23 -13.52 14.69
CA VAL D 32 -6.25 -13.86 15.72
C VAL D 32 -6.99 -14.02 17.05
N GLU D 33 -7.78 -13.01 17.37
CA GLU D 33 -8.64 -13.01 18.55
C GLU D 33 -9.45 -14.29 18.66
N HIS D 34 -10.10 -14.68 17.57
CA HIS D 34 -10.93 -15.88 17.58
C HIS D 34 -10.09 -17.17 17.76
N TRP D 35 -8.91 -17.17 17.18
CA TRP D 35 -7.96 -18.27 17.28
C TRP D 35 -7.56 -18.50 18.75
N GLU D 36 -7.12 -17.41 19.39
CA GLU D 36 -6.77 -17.44 20.80
C GLU D 36 -7.96 -17.87 21.65
N TRP D 37 -9.14 -17.36 21.30
CA TRP D 37 -10.36 -17.68 22.02
C TRP D 37 -10.63 -19.18 22.00
N THR D 38 -10.63 -19.75 20.80
CA THR D 38 -10.81 -21.18 20.62
C THR D 38 -9.78 -21.96 21.43
N ARG D 39 -8.52 -21.55 21.37
CA ARG D 39 -7.50 -22.31 22.08
C ARG D 39 -7.64 -22.24 23.60
N THR D 40 -8.06 -21.09 24.08
CA THR D 40 -8.32 -20.78 25.47
C THR D 40 -9.51 -21.56 26.00
N ARG D 41 -10.49 -21.83 25.17
CA ARG D 41 -11.77 -22.38 25.60
C ARG D 41 -11.92 -23.90 25.38
N PHE D 42 -11.14 -24.47 24.46
CA PHE D 42 -11.29 -25.90 24.14
C PHE D 42 -9.99 -26.68 24.23
N PRO D 43 -10.02 -27.80 24.97
CA PRO D 43 -8.88 -28.69 25.20
C PRO D 43 -8.41 -29.39 23.93
N ASP D 44 -9.32 -29.64 22.99
CA ASP D 44 -8.98 -30.30 21.74
C ASP D 44 -8.76 -29.29 20.61
N ALA D 45 -8.37 -28.08 20.97
CA ALA D 45 -8.21 -26.99 19.99
C ALA D 45 -7.12 -27.25 18.95
N ASP D 46 -6.36 -28.34 19.08
CA ASP D 46 -5.35 -28.67 18.08
C ASP D 46 -5.98 -29.17 16.77
N LYS D 47 -7.30 -29.37 16.78
CA LYS D 47 -8.05 -29.67 15.56
C LYS D 47 -8.08 -28.45 14.63
N MET D 48 -7.94 -27.28 15.23
CA MET D 48 -8.04 -26.02 14.49
C MET D 48 -6.77 -25.77 13.67
N SER D 49 -6.95 -25.23 12.46
CA SER D 49 -5.83 -24.88 11.61
C SER D 49 -4.92 -23.83 12.25
N SER D 50 -3.67 -23.79 11.81
CA SER D 50 -2.69 -22.83 12.33
C SER D 50 -2.90 -21.43 11.77
N ARG D 51 -2.20 -20.44 12.32
CA ARG D 51 -2.28 -19.09 11.79
C ARG D 51 -1.75 -19.02 10.34
N LEU D 52 -0.63 -19.69 10.08
CA LEU D 52 -0.09 -19.72 8.73
C LEU D 52 -1.10 -20.29 7.73
N GLN D 53 -1.76 -21.38 8.14
CA GLN D 53 -2.80 -21.97 7.32
C GLN D 53 -3.95 -20.99 7.10
N GLY D 54 -4.23 -20.17 8.10
CA GLY D 54 -5.20 -19.09 7.96
C GLY D 54 -4.81 -18.10 6.87
N SER D 55 -3.56 -17.67 6.90
CA SER D 55 -3.09 -16.74 5.87
C SER D 55 -3.22 -17.38 4.49
N TRP D 56 -2.89 -18.67 4.43
CA TRP D 56 -2.99 -19.44 3.20
C TRP D 56 -4.42 -19.50 2.66
N MET D 57 -5.38 -19.76 3.55
CA MET D 57 -6.78 -19.80 3.15
C MET D 57 -7.23 -18.45 2.61
N ILE D 58 -6.89 -17.40 3.34
CA ILE D 58 -7.34 -16.07 2.93
C ILE D 58 -6.73 -15.69 1.56
N PHE D 59 -5.44 -15.96 1.40
CA PHE D 59 -4.72 -15.71 0.14
C PHE D 59 -5.38 -16.45 -1.00
N THR D 60 -5.63 -17.73 -0.77
CA THR D 60 -6.19 -18.61 -1.79
C THR D 60 -7.56 -18.08 -2.20
N ALA D 61 -8.38 -17.71 -1.21
CA ALA D 61 -9.72 -17.20 -1.51
C ALA D 61 -9.68 -15.88 -2.28
N ARG D 62 -8.77 -14.98 -1.90
CA ARG D 62 -8.64 -13.71 -2.62
C ARG D 62 -8.14 -13.90 -4.05
N ASP D 63 -7.25 -14.89 -4.24
CA ASP D 63 -6.65 -15.18 -5.53
C ASP D 63 -7.67 -15.83 -6.48
N ARG D 64 -8.27 -16.94 -6.05
CA ARG D 64 -9.16 -17.73 -6.90
C ARG D 64 -10.54 -17.11 -7.10
N LYS D 65 -10.95 -16.25 -6.17
CA LYS D 65 -12.24 -15.59 -6.22
C LYS D 65 -13.41 -16.56 -6.46
N PRO D 66 -13.54 -17.57 -5.58
CA PRO D 66 -14.63 -18.55 -5.76
C PRO D 66 -16.00 -17.91 -5.56
N LYS D 67 -16.96 -18.25 -6.41
CA LYS D 67 -18.33 -17.74 -6.26
C LYS D 67 -19.00 -18.33 -5.03
N ARG D 68 -18.74 -19.61 -4.78
CA ARG D 68 -19.21 -20.34 -3.59
C ARG D 68 -18.12 -21.23 -2.99
N ILE D 69 -18.15 -21.29 -1.66
CA ILE D 69 -17.22 -22.11 -0.90
C ILE D 69 -17.98 -23.12 -0.04
N LEU D 70 -17.51 -24.36 -0.03
CA LEU D 70 -18.07 -25.38 0.84
C LEU D 70 -16.98 -25.90 1.75
N GLU D 71 -17.20 -25.98 3.05
CA GLU D 71 -16.21 -26.63 3.90
C GLU D 71 -16.86 -27.70 4.78
N ILE D 72 -16.14 -28.80 4.98
CA ILE D 72 -16.64 -29.91 5.76
C ILE D 72 -15.80 -30.02 7.01
N GLY D 73 -16.43 -29.83 8.17
CA GLY D 73 -15.71 -29.72 9.43
C GLY D 73 -15.50 -28.28 9.78
N CYS D 74 -16.37 -27.75 10.63
CA CYS D 74 -16.36 -26.34 10.99
C CYS D 74 -15.55 -26.10 12.25
N TYR D 75 -15.65 -27.05 13.18
CA TYR D 75 -15.08 -26.93 14.52
C TYR D 75 -15.58 -25.64 15.19
N SER D 76 -14.70 -24.65 15.34
CA SER D 76 -15.08 -23.42 16.02
C SER D 76 -15.33 -22.29 15.02
N GLY D 77 -15.21 -22.60 13.72
CA GLY D 77 -15.50 -21.65 12.67
C GLY D 77 -14.32 -20.87 12.13
N TYR D 78 -13.11 -21.28 12.50
CA TYR D 78 -11.91 -20.51 12.15
C TYR D 78 -11.68 -20.46 10.63
N SER D 79 -11.67 -21.62 9.99
CA SER D 79 -11.48 -21.67 8.55
C SER D 79 -12.66 -21.03 7.84
N ALA D 80 -13.86 -21.18 8.39
CA ALA D 80 -15.03 -20.54 7.79
C ALA D 80 -14.87 -19.02 7.77
N LEU D 81 -14.38 -18.47 8.88
CA LEU D 81 -14.14 -17.04 9.00
C LEU D 81 -12.98 -16.60 8.10
N ALA D 82 -12.00 -17.48 7.90
CA ALA D 82 -10.92 -17.18 6.95
C ALA D 82 -11.45 -17.05 5.53
N TRP D 83 -12.30 -18.00 5.12
CA TRP D 83 -12.91 -17.91 3.80
C TRP D 83 -13.71 -16.62 3.69
N TYR D 84 -14.46 -16.36 4.75
CA TYR D 84 -15.23 -15.11 4.85
C TYR D 84 -14.36 -13.88 4.59
N GLU D 85 -13.23 -13.79 5.29
CA GLU D 85 -12.30 -12.68 5.08
C GLU D 85 -11.82 -12.58 3.65
N GLY D 86 -11.48 -13.74 3.09
CA GLY D 86 -10.96 -13.79 1.73
C GLY D 86 -11.97 -13.53 0.64
N THR D 87 -13.26 -13.50 0.97
CA THR D 87 -14.28 -13.23 -0.04
C THR D 87 -15.16 -12.00 0.25
N ARG D 88 -14.63 -11.03 0.99
CA ARG D 88 -15.41 -9.82 1.31
C ARG D 88 -15.82 -9.02 0.07
N ASP D 89 -14.96 -9.03 -0.94
CA ASP D 89 -15.20 -8.23 -2.14
C ASP D 89 -16.35 -8.79 -2.98
N THR D 90 -16.51 -10.11 -2.95
CA THR D 90 -17.51 -10.78 -3.79
C THR D 90 -18.75 -11.18 -3.00
N LYS D 91 -18.69 -11.18 -1.69
CA LYS D 91 -19.84 -11.59 -0.93
C LYS D 91 -20.23 -13.02 -1.24
N ALA D 92 -19.24 -13.90 -1.40
CA ALA D 92 -19.53 -15.28 -1.75
C ALA D 92 -20.29 -16.01 -0.62
N GLU D 93 -21.16 -16.94 -1.00
CA GLU D 93 -21.80 -17.82 -0.03
C GLU D 93 -20.79 -18.83 0.48
N ILE D 94 -20.82 -19.06 1.79
CA ILE D 94 -19.95 -20.03 2.41
C ILE D 94 -20.82 -21.05 3.14
N VAL D 95 -20.73 -22.30 2.73
CA VAL D 95 -21.49 -23.35 3.41
C VAL D 95 -20.53 -24.18 4.24
N THR D 96 -20.87 -24.41 5.51
CA THR D 96 -19.98 -25.19 6.36
C THR D 96 -20.74 -26.30 7.11
N LEU D 97 -20.22 -27.51 7.09
CA LEU D 97 -20.91 -28.65 7.69
C LEU D 97 -20.31 -29.03 9.05
N GLU D 98 -21.19 -29.28 10.04
CA GLU D 98 -20.70 -29.67 11.36
C GLU D 98 -21.73 -30.52 12.11
N TYR D 99 -21.24 -31.52 12.82
CA TYR D 99 -22.11 -32.45 13.54
C TYR D 99 -22.06 -32.38 15.06
N SER D 100 -21.13 -31.67 15.60
CA SER D 100 -20.98 -31.59 17.06
C SER D 100 -21.75 -30.40 17.65
N PRO D 101 -22.73 -30.68 18.54
CA PRO D 101 -23.54 -29.60 19.10
C PRO D 101 -22.72 -28.50 19.77
N LYS D 102 -21.77 -28.89 20.60
CA LYS D 102 -20.92 -27.97 21.31
C LYS D 102 -20.18 -27.01 20.38
N MET D 103 -19.64 -27.57 19.31
CA MET D 103 -18.89 -26.77 18.34
C MET D 103 -19.83 -25.95 17.46
N ILE D 104 -21.02 -26.47 17.18
CA ILE D 104 -22.03 -25.71 16.47
C ILE D 104 -22.37 -24.44 17.27
N ALA D 105 -22.57 -24.59 18.57
CA ALA D 105 -22.84 -23.46 19.46
C ALA D 105 -21.68 -22.46 19.46
N ALA D 106 -20.46 -22.98 19.64
CA ALA D 106 -19.26 -22.13 19.61
C ALA D 106 -19.15 -21.34 18.30
N SER D 107 -19.41 -22.01 17.19
CA SER D 107 -19.31 -21.41 15.86
C SER D 107 -20.38 -20.35 15.65
N ARG D 108 -21.61 -20.61 16.06
CA ARG D 108 -22.65 -19.61 15.88
C ARG D 108 -22.38 -18.37 16.74
N GLU D 109 -21.85 -18.60 17.94
CA GLU D 109 -21.42 -17.47 18.77
C GLU D 109 -20.32 -16.65 18.07
N ALA D 110 -19.32 -17.35 17.54
CA ALA D 110 -18.23 -16.68 16.81
C ALA D 110 -18.72 -15.89 15.61
N PHE D 111 -19.62 -16.49 14.84
CA PHE D 111 -20.15 -15.88 13.64
C PHE D 111 -20.95 -14.64 14.00
N LYS D 112 -21.69 -14.71 15.10
CA LYS D 112 -22.44 -13.54 15.54
C LYS D 112 -21.50 -12.42 15.97
N LYS D 113 -20.46 -12.79 16.72
CA LYS D 113 -19.52 -11.81 17.25
C LYS D 113 -18.73 -11.11 16.13
N TYR D 114 -18.35 -11.90 15.13
CA TYR D 114 -17.55 -11.43 13.99
C TYR D 114 -18.37 -10.53 13.07
N GLY D 115 -19.69 -10.57 13.23
CA GLY D 115 -20.60 -9.75 12.44
C GLY D 115 -20.72 -10.25 11.01
N VAL D 116 -20.72 -11.58 10.87
CA VAL D 116 -20.76 -12.18 9.54
C VAL D 116 -22.12 -12.06 8.87
N GLY D 117 -23.18 -12.53 9.54
CA GLY D 117 -24.51 -12.45 8.96
C GLY D 117 -24.84 -13.54 7.96
N ASP D 118 -25.42 -13.12 6.84
CA ASP D 118 -26.18 -14.03 5.96
C ASP D 118 -25.35 -15.05 5.19
N ARG D 119 -24.29 -14.61 4.51
CA ARG D 119 -23.62 -15.46 3.53
C ARG D 119 -22.81 -16.62 4.12
N VAL D 120 -22.74 -16.73 5.44
CA VAL D 120 -22.18 -17.94 6.02
C VAL D 120 -23.31 -18.78 6.59
N LYS D 121 -23.45 -19.98 6.06
CA LYS D 121 -24.50 -20.90 6.48
C LYS D 121 -23.88 -22.14 7.09
N LEU D 122 -24.16 -22.36 8.37
CA LEU D 122 -23.72 -23.55 9.07
C LEU D 122 -24.83 -24.59 9.03
N ILE D 123 -24.57 -25.70 8.37
CA ILE D 123 -25.52 -26.81 8.33
C ILE D 123 -25.15 -27.89 9.34
N GLU D 124 -26.13 -28.22 10.19
CA GLU D 124 -25.91 -29.10 11.33
C GLU D 124 -26.27 -30.54 10.99
N GLY D 125 -25.43 -31.48 11.41
CA GLY D 125 -25.71 -32.88 11.22
C GLY D 125 -24.54 -33.63 10.63
N PRO D 126 -24.64 -34.96 10.54
CA PRO D 126 -23.59 -35.77 9.96
C PRO D 126 -23.36 -35.39 8.51
N ALA D 127 -22.12 -35.06 8.15
CA ALA D 127 -21.82 -34.55 6.82
C ALA D 127 -22.15 -35.58 5.74
N GLU D 128 -22.00 -36.86 6.06
CA GLU D 128 -22.25 -37.90 5.06
C GLU D 128 -23.70 -37.88 4.60
N ASN D 129 -24.59 -37.32 5.42
CA ASN D 129 -25.99 -37.16 5.04
C ASN D 129 -26.27 -35.76 4.48
N THR D 130 -25.82 -34.72 5.17
CA THR D 130 -26.16 -33.36 4.80
C THR D 130 -25.54 -32.94 3.47
N LEU D 131 -24.32 -33.41 3.22
CA LEU D 131 -23.61 -33.09 1.98
C LEU D 131 -24.45 -33.45 0.76
N LYS D 132 -25.24 -34.52 0.89
CA LYS D 132 -26.06 -34.99 -0.22
C LYS D 132 -27.24 -34.06 -0.50
N THR D 133 -27.60 -33.25 0.47
CA THR D 133 -28.77 -32.38 0.34
C THR D 133 -28.41 -31.06 -0.34
N LEU D 134 -27.13 -30.77 -0.44
CA LEU D 134 -26.67 -29.49 -1.01
C LEU D 134 -27.04 -29.35 -2.48
N GLU D 135 -27.29 -28.12 -2.92
CA GLU D 135 -27.65 -27.87 -4.30
C GLU D 135 -26.61 -26.98 -4.98
N GLY D 136 -26.62 -26.99 -6.31
CA GLY D 136 -25.71 -26.16 -7.07
C GLY D 136 -24.29 -26.68 -7.06
N GLU D 137 -23.34 -25.81 -7.34
CA GLU D 137 -21.94 -26.19 -7.37
C GLU D 137 -21.09 -25.22 -6.55
N PHE D 138 -19.89 -25.66 -6.18
CA PHE D 138 -18.97 -24.83 -5.41
C PHE D 138 -17.64 -24.69 -6.14
N ASP D 139 -17.09 -23.47 -6.16
CA ASP D 139 -15.80 -23.24 -6.80
C ASP D 139 -14.67 -23.68 -5.92
N LEU D 140 -14.89 -23.66 -4.61
CA LEU D 140 -13.83 -24.12 -3.72
C LEU D 140 -14.42 -25.01 -2.63
N ILE D 141 -13.91 -26.22 -2.50
CA ILE D 141 -14.37 -27.15 -1.46
C ILE D 141 -13.24 -27.58 -0.54
N PHE D 142 -13.40 -27.37 0.75
CA PHE D 142 -12.38 -27.64 1.75
C PHE D 142 -12.82 -28.82 2.61
N VAL D 143 -12.15 -29.96 2.46
CA VAL D 143 -12.47 -31.17 3.22
C VAL D 143 -11.56 -31.28 4.45
N ASP D 144 -12.15 -31.21 5.63
CA ASP D 144 -11.36 -31.11 6.85
C ASP D 144 -12.10 -31.68 8.06
N ALA D 145 -12.83 -32.77 7.85
CA ALA D 145 -13.62 -33.38 8.93
C ALA D 145 -13.00 -34.72 9.34
N ASN D 146 -13.83 -35.74 9.57
CA ASN D 146 -13.31 -37.07 9.89
C ASN D 146 -12.54 -37.67 8.73
N LYS D 147 -11.28 -38.03 8.97
CA LYS D 147 -10.40 -38.56 7.93
C LYS D 147 -10.99 -39.79 7.26
N ASP D 148 -11.58 -40.67 8.06
CA ASP D 148 -12.12 -41.91 7.54
C ASP D 148 -13.37 -41.69 6.66
N GLY D 149 -13.75 -40.43 6.49
CA GLY D 149 -14.87 -40.08 5.63
C GLY D 149 -14.46 -39.38 4.35
N TYR D 150 -13.18 -38.99 4.24
CA TYR D 150 -12.74 -38.18 3.10
C TYR D 150 -13.16 -38.82 1.77
N ALA D 151 -12.87 -40.11 1.63
CA ALA D 151 -13.16 -40.84 0.41
C ALA D 151 -14.64 -40.79 0.07
N GLY D 152 -15.48 -40.95 1.09
CA GLY D 152 -16.92 -40.86 0.88
C GLY D 152 -17.28 -39.46 0.41
N TYR D 153 -16.77 -38.46 1.11
CA TYR D 153 -17.17 -37.08 0.82
C TYR D 153 -16.85 -36.75 -0.63
N VAL D 154 -15.60 -36.98 -1.00
CA VAL D 154 -15.16 -36.73 -2.36
C VAL D 154 -16.10 -37.46 -3.33
N LYS D 155 -16.40 -38.72 -3.03
CA LYS D 155 -17.23 -39.50 -3.95
C LYS D 155 -18.53 -38.75 -4.18
N THR D 156 -19.19 -38.36 -3.09
CA THR D 156 -20.47 -37.70 -3.22
C THR D 156 -20.28 -36.43 -4.03
N ILE D 157 -19.24 -35.67 -3.70
CA ILE D 157 -19.01 -34.38 -4.34
C ILE D 157 -18.92 -34.57 -5.84
N LEU D 158 -18.31 -35.66 -6.28
CA LEU D 158 -18.08 -35.79 -7.71
C LEU D 158 -19.35 -36.29 -8.38
N ASP D 159 -20.09 -37.12 -7.65
CA ASP D 159 -21.25 -37.79 -8.26
C ASP D 159 -22.40 -36.83 -8.42
N GLN D 160 -22.53 -35.89 -7.48
CA GLN D 160 -23.65 -34.96 -7.50
C GLN D 160 -23.30 -33.64 -8.19
N GLY D 161 -22.07 -33.54 -8.70
CA GLY D 161 -21.63 -32.34 -9.38
C GLY D 161 -21.56 -31.14 -8.47
N LEU D 162 -21.13 -31.36 -7.23
CA LEU D 162 -20.98 -30.29 -6.26
C LEU D 162 -19.75 -29.46 -6.55
N LEU D 163 -18.83 -30.02 -7.34
CA LEU D 163 -17.62 -29.31 -7.76
C LEU D 163 -17.81 -28.67 -9.12
N SER D 164 -17.65 -27.35 -9.19
CA SER D 164 -17.80 -26.62 -10.46
C SER D 164 -16.70 -27.01 -11.44
N ALA D 165 -16.90 -26.69 -12.72
CA ALA D 165 -15.98 -27.07 -13.78
C ALA D 165 -14.54 -26.64 -13.53
N ASN D 166 -14.35 -25.42 -13.07
CA ASN D 166 -13.01 -24.90 -12.83
C ASN D 166 -12.69 -24.80 -11.34
N GLY D 167 -13.40 -25.60 -10.55
CA GLY D 167 -13.24 -25.56 -9.11
C GLY D 167 -12.15 -26.49 -8.62
N ILE D 168 -11.90 -26.45 -7.32
CA ILE D 168 -10.89 -27.30 -6.73
C ILE D 168 -11.33 -27.79 -5.35
N ILE D 169 -10.93 -29.01 -5.01
CA ILE D 169 -11.10 -29.54 -3.68
C ILE D 169 -9.74 -29.54 -3.02
N LEU D 170 -9.70 -29.02 -1.79
CA LEU D 170 -8.53 -29.03 -0.94
C LEU D 170 -8.80 -29.92 0.24
N CYS D 171 -8.03 -31.01 0.38
CA CYS D 171 -8.19 -31.95 1.49
C CYS D 171 -7.03 -31.79 2.47
N ASP D 172 -7.37 -31.57 3.74
CA ASP D 172 -6.41 -31.21 4.78
C ASP D 172 -5.97 -32.43 5.61
N ASN D 173 -4.77 -32.36 6.20
CA ASN D 173 -4.25 -33.39 7.11
C ASN D 173 -4.08 -34.77 6.49
N VAL D 174 -3.84 -34.83 5.19
CA VAL D 174 -3.80 -36.10 4.48
C VAL D 174 -2.64 -36.99 4.93
N PHE D 175 -1.56 -36.40 5.45
CA PHE D 175 -0.40 -37.20 5.92
C PHE D 175 -0.61 -37.93 7.25
N ALA D 176 -1.63 -37.52 8.02
CA ALA D 176 -1.80 -38.03 9.40
C ALA D 176 -0.48 -37.96 10.17
N ARG D 177 0.17 -36.79 10.11
CA ARG D 177 1.45 -36.52 10.77
C ARG D 177 2.60 -37.35 10.21
N GLY D 178 2.37 -38.04 9.09
CA GLY D 178 3.36 -38.91 8.51
C GLY D 178 2.90 -40.37 8.53
N LEU D 179 1.94 -40.67 9.39
CA LEU D 179 1.54 -42.06 9.58
C LEU D 179 0.74 -42.60 8.40
N THR D 180 0.30 -41.71 7.51
CA THR D 180 -0.34 -42.18 6.28
C THR D 180 0.68 -42.93 5.45
N ILE D 181 1.90 -42.43 5.44
CA ILE D 181 2.98 -43.01 4.63
C ILE D 181 3.50 -44.32 5.25
N GLY D 182 3.80 -44.30 6.54
CA GLY D 182 4.23 -45.51 7.23
C GLY D 182 4.27 -45.34 8.73
N PRO D 183 4.24 -46.46 9.48
CA PRO D 183 4.16 -46.44 10.94
C PRO D 183 5.38 -45.79 11.59
N ASP D 184 6.50 -45.77 10.87
CA ASP D 184 7.75 -45.27 11.40
C ASP D 184 8.07 -43.83 10.94
N CYS D 185 7.06 -43.08 10.53
CA CYS D 185 7.32 -41.76 9.92
C CYS D 185 7.05 -40.59 10.86
N ALA D 186 6.70 -40.88 12.12
CA ALA D 186 6.47 -39.81 13.09
C ALA D 186 6.86 -40.20 14.52
N PRO D 187 8.18 -40.38 14.78
CA PRO D 187 8.73 -40.80 16.07
C PRO D 187 8.44 -39.82 17.21
N TRP D 188 8.32 -38.54 16.87
CA TRP D 188 8.09 -37.47 17.84
C TRP D 188 6.69 -37.49 18.43
N LEU D 189 5.78 -38.19 17.77
CA LEU D 189 4.36 -38.20 18.14
C LEU D 189 4.14 -38.76 19.55
N ASN D 190 3.32 -38.07 20.33
CA ASN D 190 2.97 -38.50 21.67
C ASN D 190 2.25 -39.85 21.66
N ASP D 191 2.51 -40.69 22.64
CA ASP D 191 1.83 -41.97 22.67
C ASP D 191 0.33 -41.82 22.79
N HIS D 192 -0.11 -40.80 23.49
CA HIS D 192 -1.54 -40.58 23.70
C HIS D 192 -2.31 -40.40 22.40
N VAL D 193 -1.68 -39.78 21.40
CA VAL D 193 -2.36 -39.50 20.15
C VAL D 193 -1.95 -40.44 19.01
N ARG D 194 -1.07 -41.39 19.28
CA ARG D 194 -0.61 -42.26 18.19
C ARG D 194 -1.71 -43.18 17.63
N PRO D 195 -2.53 -43.85 18.47
CA PRO D 195 -3.59 -44.69 17.86
C PRO D 195 -4.52 -43.92 16.93
N TYR D 196 -4.87 -42.70 17.34
CA TYR D 196 -5.73 -41.85 16.53
C TYR D 196 -5.12 -41.59 15.14
N TRP D 197 -3.89 -41.09 15.13
CA TRP D 197 -3.26 -40.74 13.86
C TRP D 197 -2.91 -41.99 13.05
N ASN D 198 -2.73 -43.10 13.72
CA ASN D 198 -2.58 -44.37 13.06
C ASN D 198 -3.81 -44.81 12.29
N GLY D 199 -4.97 -44.79 12.94
CA GLY D 199 -6.23 -45.07 12.26
C GLY D 199 -6.46 -44.11 11.09
N CYS D 200 -6.26 -42.83 11.37
CA CYS D 200 -6.35 -41.82 10.33
C CYS D 200 -5.43 -42.12 9.14
N GLY D 201 -4.18 -42.45 9.42
CA GLY D 201 -3.23 -42.81 8.38
C GLY D 201 -3.69 -43.99 7.52
N GLN D 202 -4.24 -45.03 8.14
CA GLN D 202 -4.73 -46.16 7.35
C GLN D 202 -5.84 -45.73 6.40
N ALA D 203 -6.81 -44.99 6.97
CA ALA D 203 -7.93 -44.52 6.15
C ALA D 203 -7.46 -43.57 5.02
N LEU D 204 -6.54 -42.66 5.33
CA LEU D 204 -6.08 -41.67 4.37
C LEU D 204 -5.18 -42.29 3.30
N ASP D 205 -4.50 -43.37 3.65
CA ASP D 205 -3.73 -44.09 2.64
C ASP D 205 -4.70 -44.74 1.67
N LYS D 206 -5.74 -45.38 2.22
CA LYS D 206 -6.74 -45.96 1.30
C LYS D 206 -7.39 -44.87 0.41
N PHE D 207 -7.68 -43.72 1.00
CA PHE D 207 -8.26 -42.57 0.27
C PHE D 207 -7.34 -42.10 -0.87
N SER D 208 -6.06 -41.92 -0.54
CA SER D 208 -5.08 -41.48 -1.51
C SER D 208 -4.94 -42.44 -2.66
N ALA D 209 -4.85 -43.74 -2.34
CA ALA D 209 -4.79 -44.75 -3.40
C ALA D 209 -6.05 -44.68 -4.26
N GLY D 210 -7.21 -44.53 -3.61
CA GLY D 210 -8.48 -44.48 -4.28
C GLY D 210 -8.56 -43.36 -5.30
N LEU D 211 -8.02 -42.18 -4.96
CA LEU D 211 -8.07 -41.05 -5.87
C LEU D 211 -7.35 -41.32 -7.20
N MET D 212 -6.27 -42.11 -7.16
CA MET D 212 -5.50 -42.42 -8.36
C MET D 212 -6.23 -43.38 -9.30
N GLU D 213 -7.35 -43.92 -8.84
CA GLU D 213 -8.11 -44.88 -9.63
C GLU D 213 -9.34 -44.24 -10.27
N ASP D 214 -9.68 -43.02 -9.85
CA ASP D 214 -10.79 -42.27 -10.43
C ASP D 214 -10.34 -41.50 -11.68
N PRO D 215 -10.90 -41.87 -12.85
CA PRO D 215 -10.50 -41.27 -14.13
C PRO D 215 -11.13 -39.91 -14.39
N ARG D 216 -12.04 -39.48 -13.51
CA ARG D 216 -12.72 -38.21 -13.68
C ARG D 216 -11.86 -37.01 -13.27
N ILE D 217 -10.78 -37.27 -12.52
CA ILE D 217 -10.09 -36.20 -11.82
C ILE D 217 -8.57 -36.17 -11.99
N ASP D 218 -8.01 -34.95 -11.84
CA ASP D 218 -6.58 -34.72 -11.68
C ASP D 218 -6.26 -34.50 -10.21
N VAL D 219 -5.22 -35.19 -9.74
CA VAL D 219 -4.89 -35.18 -8.32
C VAL D 219 -3.45 -34.78 -8.05
N LEU D 220 -3.25 -33.98 -7.00
CA LEU D 220 -1.89 -33.61 -6.59
C LEU D 220 -1.79 -33.63 -5.06
N LEU D 221 -0.94 -34.49 -4.54
CA LEU D 221 -0.69 -34.51 -3.10
C LEU D 221 0.54 -33.66 -2.79
N LEU D 222 0.30 -32.48 -2.24
CA LEU D 222 1.37 -31.52 -1.99
C LEU D 222 1.88 -31.66 -0.56
N PRO D 223 3.21 -31.79 -0.41
CA PRO D 223 3.81 -31.96 0.91
C PRO D 223 3.95 -30.64 1.67
N VAL D 224 2.82 -30.00 1.96
CA VAL D 224 2.81 -28.76 2.72
C VAL D 224 1.88 -28.97 3.92
N PHE D 225 2.16 -28.28 5.02
CA PHE D 225 1.38 -28.42 6.26
C PHE D 225 1.32 -29.92 6.65
N ASP D 226 0.13 -30.45 6.89
CA ASP D 226 0.00 -31.87 7.26
C ASP D 226 -0.43 -32.68 6.03
N GLY D 227 0.01 -32.24 4.86
CA GLY D 227 -0.33 -32.86 3.60
C GLY D 227 -1.61 -32.29 3.05
N VAL D 228 -1.57 -31.79 1.82
CA VAL D 228 -2.80 -31.25 1.24
C VAL D 228 -3.03 -31.82 -0.13
N THR D 229 -4.18 -32.46 -0.31
CA THR D 229 -4.50 -33.02 -1.61
C THR D 229 -5.37 -32.07 -2.39
N GLN D 230 -4.94 -31.73 -3.59
CA GLN D 230 -5.70 -30.88 -4.51
C GLN D 230 -6.36 -31.77 -5.55
N ILE D 231 -7.66 -31.58 -5.75
CA ILE D 231 -8.39 -32.34 -6.76
C ILE D 231 -9.14 -31.42 -7.70
N ARG D 232 -9.04 -31.66 -9.00
CA ARG D 232 -9.86 -30.91 -9.96
C ARG D 232 -10.42 -31.86 -11.01
N TRP D 233 -11.43 -31.41 -11.76
CA TRP D 233 -11.95 -32.21 -12.86
C TRP D 233 -10.89 -32.33 -13.94
N LYS D 234 -10.67 -33.55 -14.43
CA LYS D 234 -9.71 -33.77 -15.50
C LYS D 234 -10.21 -33.14 -16.81
N ASP D 235 -9.33 -32.46 -17.52
CA ASP D 235 -9.72 -31.82 -18.79
C ASP D 235 -10.05 -32.86 -19.86
N SAH E . -12.08 22.98 15.52
CA SAH E . -13.44 22.58 15.26
CB SAH E . -14.38 23.78 15.22
CG SAH E . -14.15 24.88 16.25
SD SAH E . -15.41 26.09 16.17
C SAH E . -13.54 21.84 13.96
O SAH E . -14.49 21.12 13.75
OXT SAH E . -12.67 21.99 13.11
C5' SAH E . -14.84 27.12 17.45
C4' SAH E . -15.02 26.57 18.85
O4' SAH E . -14.34 27.39 19.78
C3' SAH E . -16.46 26.56 19.29
O3' SAH E . -16.85 25.27 19.74
C2' SAH E . -16.53 27.53 20.43
O2' SAH E . -17.48 27.23 21.40
C1' SAH E . -15.11 27.55 20.95
N9 SAH E . -14.74 28.82 21.61
C8 SAH E . -15.10 30.04 21.28
N7 SAH E . -14.56 30.92 22.10
C5 SAH E . -13.83 30.27 22.97
C6 SAH E . -12.98 30.60 24.11
N6 SAH E . -12.85 31.86 24.45
N1 SAH E . -12.36 29.62 24.77
C2 SAH E . -12.52 28.36 24.39
N3 SAH E . -13.26 27.97 23.37
C4 SAH E . -13.93 28.87 22.63
C1 PEG F . 8.62 17.91 8.00
O1 PEG F . 7.89 19.09 8.25
C2 PEG F . 9.80 17.88 8.94
O2 PEG F . 9.46 18.62 10.09
C3 PEG F . 10.26 19.75 10.33
C4 PEG F . 9.34 20.91 10.63
O4 PEG F . 10.08 21.99 11.17
N SAH G . 9.35 26.28 -11.85
CA SAH G . 9.33 27.55 -12.51
CB SAH G . 8.39 27.54 -13.69
CG SAH G . 8.54 26.35 -14.62
SD SAH G . 7.68 26.50 -16.17
C SAH G . 8.80 28.67 -11.64
O SAH G . 8.93 29.80 -12.03
OXT SAH G . 8.16 28.47 -10.65
C5' SAH G . 7.89 24.96 -16.92
C4' SAH G . 9.27 24.64 -17.50
O4' SAH G . 9.37 23.25 -17.83
C3' SAH G . 9.61 25.41 -18.76
O3' SAH G . 10.77 26.16 -18.59
C2' SAH G . 9.81 24.29 -19.78
O2' SAH G . 10.75 24.53 -20.74
C1' SAH G . 10.17 23.05 -18.96
N9 SAH G . 9.89 21.74 -19.60
C8 SAH G . 8.79 21.38 -20.23
N7 SAH G . 8.80 20.12 -20.66
C5 SAH G . 9.96 19.64 -20.28
C6 SAH G . 10.65 18.35 -20.37
N6 SAH G . 10.15 17.29 -20.96
N1 SAH G . 11.83 18.24 -19.83
C2 SAH G . 12.45 19.21 -19.20
N3 SAH G . 11.90 20.41 -19.04
C4 SAH G . 10.67 20.68 -19.54
C1 PEG H . 10.32 2.00 -1.69
O1 PEG H . 11.34 2.27 -2.62
C2 PEG H . 10.60 2.79 -0.44
O2 PEG H . 9.66 2.44 0.54
C3 PEG H . 9.05 3.57 1.13
C4 PEG H . 9.77 3.87 2.42
O4 PEG H . 10.77 4.83 2.15
C1 PEG I . 1.81 28.05 -24.64
O1 PEG I . 3.06 27.43 -24.43
C2 PEG I . 2.04 29.50 -25.03
O2 PEG I . 1.14 30.29 -24.30
C3 PEG I . 1.71 30.88 -23.15
C4 PEG I . 1.07 30.26 -21.94
O4 PEG I . 2.08 30.01 -20.99
N SAH J . 13.60 -23.38 -13.85
CA SAH J . 14.52 -24.46 -14.04
CB SAH J . 15.71 -24.31 -13.14
CG SAH J . 16.44 -23.00 -13.23
SD SAH J . 18.01 -23.13 -12.53
C SAH J . 13.88 -25.77 -13.71
O SAH J . 14.46 -26.79 -14.01
OXT SAH J . 12.81 -25.77 -13.13
C5' SAH J . 18.49 -21.44 -12.55
C4' SAH J . 18.88 -20.75 -13.88
O4' SAH J . 19.00 -19.34 -13.84
C3' SAH J . 20.23 -21.22 -14.41
O3' SAH J . 20.10 -21.80 -15.67
C2' SAH J . 21.10 -19.98 -14.50
O2' SAH J . 21.97 -20.02 -15.60
C1' SAH J . 20.08 -18.92 -14.66
N9 SAH J . 20.54 -17.56 -14.30
C8 SAH J . 21.36 -17.21 -13.35
N7 SAH J . 21.54 -15.90 -13.29
C5 SAH J . 20.83 -15.38 -14.24
C6 SAH J . 20.55 -14.04 -14.72
N6 SAH J . 21.10 -12.97 -14.17
N1 SAH J . 19.71 -13.91 -15.73
C2 SAH J . 19.16 -14.95 -16.30
N3 SAH J . 19.35 -16.18 -15.91
C4 SAH J . 20.16 -16.47 -14.91
N SAH K . -11.92 -26.39 9.82
CA SAH K . -11.49 -26.19 11.17
CB SAH K . -11.08 -27.50 11.83
CG SAH K . -11.96 -28.71 11.62
SD SAH K . -11.74 -29.90 12.88
C SAH K . -10.33 -25.26 11.18
O SAH K . -9.57 -25.25 10.24
OXT SAH K . -10.14 -24.55 12.13
C5' SAH K . -12.85 -31.13 12.29
C4' SAH K . -14.36 -31.03 12.57
O4' SAH K . -15.18 -31.96 11.89
C3' SAH K . -14.73 -31.22 14.02
O3' SAH K . -15.35 -30.03 14.44
C2' SAH K . -15.64 -32.44 14.03
O2' SAH K . -16.66 -32.41 14.96
C1' SAH K . -16.25 -32.40 12.68
N9 SAH K . -16.74 -33.70 12.21
C8 SAH K . -16.19 -34.88 12.37
N7 SAH K . -16.88 -35.85 11.79
C5 SAH K . -17.92 -35.26 11.22
C6 SAH K . -19.06 -35.69 10.43
N6 SAH K . -19.16 -37.00 10.16
N1 SAH K . -19.94 -34.77 10.00
C2 SAH K . -19.79 -33.50 10.31
N3 SAH K . -18.78 -33.04 11.02
C4 SAH K . -17.82 -33.85 11.49
C1 PEG L . -9.80 -18.32 -10.95
O1 PEG L . -9.43 -18.03 -12.28
C2 PEG L . -9.50 -19.78 -10.67
O2 PEG L . -8.18 -20.03 -11.09
C3 PEG L . -7.33 -20.57 -10.12
C4 PEG L . -6.63 -19.45 -9.39
O4 PEG L . -6.72 -18.28 -10.17
#